data_2D47
# 
_entry.id   2D47 
# 
_audit_conform.dict_name       mmcif_pdbx.dic 
_audit_conform.dict_version    5.387 
_audit_conform.dict_location   http://mmcif.pdb.org/dictionaries/ascii/mmcif_pdbx.dic 
# 
loop_
_database_2.database_id 
_database_2.database_code 
_database_2.pdbx_database_accession 
_database_2.pdbx_DOI 
PDB   2D47         pdb_00002d47 10.2210/pdb2d47/pdb 
RCSB  ADL025       ?            ?                   
WWPDB D_1000177977 ?            ?                   
# 
loop_
_pdbx_audit_revision_history.ordinal 
_pdbx_audit_revision_history.data_content_type 
_pdbx_audit_revision_history.major_revision 
_pdbx_audit_revision_history.minor_revision 
_pdbx_audit_revision_history.revision_date 
1 'Structure model' 1 0 1991-10-02 
2 'Structure model' 1 1 2008-05-22 
3 'Structure model' 1 2 2011-07-13 
4 'Structure model' 1 3 2018-04-18 
5 'Structure model' 1 4 2024-02-14 
# 
_pdbx_audit_revision_details.ordinal             1 
_pdbx_audit_revision_details.revision_ordinal    1 
_pdbx_audit_revision_details.data_content_type   'Structure model' 
_pdbx_audit_revision_details.provider            repository 
_pdbx_audit_revision_details.type                'Initial release' 
_pdbx_audit_revision_details.description         ? 
_pdbx_audit_revision_details.details             ? 
# 
loop_
_pdbx_audit_revision_group.ordinal 
_pdbx_audit_revision_group.revision_ordinal 
_pdbx_audit_revision_group.data_content_type 
_pdbx_audit_revision_group.group 
1 2 'Structure model' 'Version format compliance' 
2 3 'Structure model' 'Version format compliance' 
3 4 'Structure model' 'Data collection'           
4 5 'Structure model' 'Data collection'           
5 5 'Structure model' 'Database references'       
6 5 'Structure model' 'Derived calculations'      
# 
loop_
_pdbx_audit_revision_category.ordinal 
_pdbx_audit_revision_category.revision_ordinal 
_pdbx_audit_revision_category.data_content_type 
_pdbx_audit_revision_category.category 
1 4 'Structure model' diffrn_detector 
2 5 'Structure model' chem_comp_atom  
3 5 'Structure model' chem_comp_bond  
4 5 'Structure model' database_2      
5 5 'Structure model' struct_site     
# 
loop_
_pdbx_audit_revision_item.ordinal 
_pdbx_audit_revision_item.revision_ordinal 
_pdbx_audit_revision_item.data_content_type 
_pdbx_audit_revision_item.item 
1 4 'Structure model' '_diffrn_detector.detector'           
2 5 'Structure model' '_database_2.pdbx_DOI'                
3 5 'Structure model' '_database_2.pdbx_database_accession' 
4 5 'Structure model' '_struct_site.pdbx_auth_asym_id'      
5 5 'Structure model' '_struct_site.pdbx_auth_comp_id'      
6 5 'Structure model' '_struct_site.pdbx_auth_seq_id'       
# 
_pdbx_database_status.status_code                     REL 
_pdbx_database_status.entry_id                        2D47 
_pdbx_database_status.recvd_initial_deposition_date   1991-10-02 
_pdbx_database_status.deposit_site                    BNL 
_pdbx_database_status.process_site                    NDB 
_pdbx_database_status.SG_entry                        . 
_pdbx_database_status.pdb_format_compatible           Y 
_pdbx_database_status.status_code_mr                  ? 
_pdbx_database_status.status_code_sf                  ? 
_pdbx_database_status.status_code_cs                  ? 
_pdbx_database_status.methods_development_category    ? 
_pdbx_database_status.status_code_nmr_data            ? 
# 
loop_
_audit_author.name 
_audit_author.pdbx_ordinal 
'Verdaguer, N.'        1 
'Aymami, J.'           2 
'Fernandez-Forner, D.' 3 
'Fita, I.'             4 
'Coll, M.'             5 
'Huynh-Dinh, T.'       6 
'Igolen, J.'           7 
'Subirana, J.A.'       8 
# 
_citation.id                        primary 
_citation.title                     'Molecular structure of a complete turn of A-DNA.' 
_citation.journal_abbrev            J.Mol.Biol. 
_citation.journal_volume            221 
_citation.page_first                623 
_citation.page_last                 635 
_citation.year                      1991 
_citation.journal_id_ASTM           JMOBAK 
_citation.country                   UK 
_citation.journal_id_ISSN           0022-2836 
_citation.journal_id_CSD            0070 
_citation.book_publisher            ? 
_citation.pdbx_database_id_PubMed   1920437 
_citation.pdbx_database_id_DOI      '10.1016/0022-2836(91)80077-8' 
# 
loop_
_citation_author.citation_id 
_citation_author.name 
_citation_author.ordinal 
_citation_author.identifier_ORCID 
primary 'Verdaguer, N.'        1 ? 
primary 'Aymami, J.'           2 ? 
primary 'Fernandez-Forner, D.' 3 ? 
primary 'Fita, I.'             4 ? 
primary 'Coll, M.'             5 ? 
primary 'Huynh-Dinh, T.'       6 ? 
primary 'Igolen, J.'           7 ? 
primary 'Subirana, J.A.'       8 ? 
# 
loop_
_entity.id 
_entity.type 
_entity.src_method 
_entity.pdbx_description 
_entity.formula_weight 
_entity.pdbx_number_of_molecules 
_entity.pdbx_ec 
_entity.pdbx_mutation 
_entity.pdbx_fragment 
_entity.details 
1 polymer     syn 
;DNA (5'-D(*CP*CP*CP*CP*CP*GP*CP*GP*GP*GP*GP*G)-3')
;
3665.368 2   ? ? ? ? 
2 non-polymer syn SPERMINE                                             202.340  1   ? ? ? ? 
3 water       nat water                                                18.015   107 ? ? ? ? 
# 
_entity_poly.entity_id                      1 
_entity_poly.type                           polydeoxyribonucleotide 
_entity_poly.nstd_linkage                   no 
_entity_poly.nstd_monomer                   no 
_entity_poly.pdbx_seq_one_letter_code       '(DC)(DC)(DC)(DC)(DC)(DG)(DC)(DG)(DG)(DG)(DG)(DG)' 
_entity_poly.pdbx_seq_one_letter_code_can   CCCCCGCGGGGG 
_entity_poly.pdbx_strand_id                 A,B 
_entity_poly.pdbx_target_identifier         ? 
# 
loop_
_pdbx_entity_nonpoly.entity_id 
_pdbx_entity_nonpoly.name 
_pdbx_entity_nonpoly.comp_id 
2 SPERMINE SPM 
3 water    HOH 
# 
loop_
_entity_poly_seq.entity_id 
_entity_poly_seq.num 
_entity_poly_seq.mon_id 
_entity_poly_seq.hetero 
1 1  DC n 
1 2  DC n 
1 3  DC n 
1 4  DC n 
1 5  DC n 
1 6  DG n 
1 7  DC n 
1 8  DG n 
1 9  DG n 
1 10 DG n 
1 11 DG n 
1 12 DG n 
# 
loop_
_chem_comp.id 
_chem_comp.type 
_chem_comp.mon_nstd_flag 
_chem_comp.name 
_chem_comp.pdbx_synonyms 
_chem_comp.formula 
_chem_comp.formula_weight 
DC  'DNA linking' y "2'-DEOXYCYTIDINE-5'-MONOPHOSPHATE"  ? 'C9 H14 N3 O7 P'  307.197 
DG  'DNA linking' y "2'-DEOXYGUANOSINE-5'-MONOPHOSPHATE" ? 'C10 H14 N5 O7 P' 347.221 
HOH non-polymer   . WATER                                ? 'H2 O'            18.015  
SPM non-polymer   . SPERMINE                             ? 'C10 H26 N4'      202.340 
# 
loop_
_pdbx_poly_seq_scheme.asym_id 
_pdbx_poly_seq_scheme.entity_id 
_pdbx_poly_seq_scheme.seq_id 
_pdbx_poly_seq_scheme.mon_id 
_pdbx_poly_seq_scheme.ndb_seq_num 
_pdbx_poly_seq_scheme.pdb_seq_num 
_pdbx_poly_seq_scheme.auth_seq_num 
_pdbx_poly_seq_scheme.pdb_mon_id 
_pdbx_poly_seq_scheme.auth_mon_id 
_pdbx_poly_seq_scheme.pdb_strand_id 
_pdbx_poly_seq_scheme.pdb_ins_code 
_pdbx_poly_seq_scheme.hetero 
A 1 1  DC 1  1  1  DC C A . n 
A 1 2  DC 2  2  2  DC C A . n 
A 1 3  DC 3  3  3  DC C A . n 
A 1 4  DC 4  4  4  DC C A . n 
A 1 5  DC 5  5  5  DC C A . n 
A 1 6  DG 6  6  6  DG G A . n 
A 1 7  DC 7  7  7  DC C A . n 
A 1 8  DG 8  8  8  DG G A . n 
A 1 9  DG 9  9  9  DG G A . n 
A 1 10 DG 10 10 10 DG G A . n 
A 1 11 DG 11 11 11 DG G A . n 
A 1 12 DG 12 12 12 DG G A . n 
B 1 1  DC 1  13 13 DC C B . n 
B 1 2  DC 2  14 14 DC C B . n 
B 1 3  DC 3  15 15 DC C B . n 
B 1 4  DC 4  16 16 DC C B . n 
B 1 5  DC 5  17 17 DC C B . n 
B 1 6  DG 6  18 18 DG G B . n 
B 1 7  DC 7  19 19 DC C B . n 
B 1 8  DG 8  20 20 DG G B . n 
B 1 9  DG 9  21 21 DG G B . n 
B 1 10 DG 10 22 22 DG G B . n 
B 1 11 DG 11 23 23 DG G B . n 
B 1 12 DG 12 24 24 DG G B . n 
# 
loop_
_pdbx_nonpoly_scheme.asym_id 
_pdbx_nonpoly_scheme.entity_id 
_pdbx_nonpoly_scheme.mon_id 
_pdbx_nonpoly_scheme.ndb_seq_num 
_pdbx_nonpoly_scheme.pdb_seq_num 
_pdbx_nonpoly_scheme.auth_seq_num 
_pdbx_nonpoly_scheme.pdb_mon_id 
_pdbx_nonpoly_scheme.auth_mon_id 
_pdbx_nonpoly_scheme.pdb_strand_id 
_pdbx_nonpoly_scheme.pdb_ins_code 
C 2 SPM 1  25  25  SPM SPM A . 
D 3 HOH 1  26  26  HOH HOH A . 
D 3 HOH 2  27  27  HOH HOH A . 
D 3 HOH 3  28  28  HOH HOH A . 
D 3 HOH 4  30  30  HOH HOH A . 
D 3 HOH 5  34  34  HOH HOH A . 
D 3 HOH 6  36  36  HOH HOH A . 
D 3 HOH 7  37  37  HOH HOH A . 
D 3 HOH 8  38  38  HOH HOH A . 
D 3 HOH 9  40  40  HOH HOH A . 
D 3 HOH 10 41  41  HOH HOH A . 
D 3 HOH 11 42  42  HOH HOH A . 
D 3 HOH 12 44  44  HOH HOH A . 
D 3 HOH 13 45  45  HOH HOH A . 
D 3 HOH 14 47  47  HOH HOH A . 
D 3 HOH 15 48  48  HOH HOH A . 
D 3 HOH 16 50  50  HOH HOH A . 
D 3 HOH 17 51  51  HOH HOH A . 
D 3 HOH 18 55  55  HOH HOH A . 
D 3 HOH 19 59  59  HOH HOH A . 
D 3 HOH 20 60  60  HOH HOH A . 
D 3 HOH 21 61  61  HOH HOH A . 
D 3 HOH 22 62  62  HOH HOH A . 
D 3 HOH 23 63  63  HOH HOH A . 
D 3 HOH 24 64  64  HOH HOH A . 
D 3 HOH 25 68  68  HOH HOH A . 
D 3 HOH 26 69  69  HOH HOH A . 
D 3 HOH 27 70  70  HOH HOH A . 
D 3 HOH 28 71  71  HOH HOH A . 
D 3 HOH 29 72  72  HOH HOH A . 
D 3 HOH 30 76  76  HOH HOH A . 
D 3 HOH 31 77  77  HOH HOH A . 
D 3 HOH 32 79  79  HOH HOH A . 
D 3 HOH 33 80  80  HOH HOH A . 
D 3 HOH 34 81  81  HOH HOH A . 
D 3 HOH 35 82  82  HOH HOH A . 
D 3 HOH 36 83  83  HOH HOH A . 
D 3 HOH 37 85  85  HOH HOH A . 
D 3 HOH 38 86  86  HOH HOH A . 
D 3 HOH 39 89  89  HOH HOH A . 
D 3 HOH 40 91  91  HOH HOH A . 
D 3 HOH 41 93  93  HOH HOH A . 
D 3 HOH 42 94  94  HOH HOH A . 
D 3 HOH 43 95  95  HOH HOH A . 
D 3 HOH 44 98  98  HOH HOH A . 
D 3 HOH 45 99  99  HOH HOH A . 
D 3 HOH 46 101 101 HOH HOH A . 
D 3 HOH 47 103 103 HOH HOH A . 
D 3 HOH 48 104 104 HOH HOH A . 
D 3 HOH 49 106 106 HOH HOH A . 
D 3 HOH 50 108 108 HOH HOH A . 
D 3 HOH 51 110 110 HOH HOH A . 
D 3 HOH 52 111 111 HOH HOH A . 
D 3 HOH 53 112 112 HOH HOH A . 
D 3 HOH 54 113 113 HOH HOH A . 
D 3 HOH 55 114 114 HOH HOH A . 
D 3 HOH 56 115 115 HOH HOH A . 
D 3 HOH 57 116 116 HOH HOH A . 
D 3 HOH 58 118 118 HOH HOH A . 
D 3 HOH 59 121 121 HOH HOH A . 
D 3 HOH 60 122 122 HOH HOH A . 
D 3 HOH 61 125 125 HOH HOH A . 
D 3 HOH 62 126 126 HOH HOH A . 
D 3 HOH 63 127 127 HOH HOH A . 
D 3 HOH 64 128 128 HOH HOH A . 
D 3 HOH 65 131 131 HOH HOH A . 
D 3 HOH 66 132 132 HOH HOH A . 
E 3 HOH 1  29  29  HOH HOH B . 
E 3 HOH 2  31  31  HOH HOH B . 
E 3 HOH 3  32  32  HOH HOH B . 
E 3 HOH 4  33  33  HOH HOH B . 
E 3 HOH 5  35  35  HOH HOH B . 
E 3 HOH 6  39  39  HOH HOH B . 
E 3 HOH 7  43  43  HOH HOH B . 
E 3 HOH 8  46  46  HOH HOH B . 
E 3 HOH 9  49  49  HOH HOH B . 
E 3 HOH 10 52  52  HOH HOH B . 
E 3 HOH 11 53  53  HOH HOH B . 
E 3 HOH 12 54  54  HOH HOH B . 
E 3 HOH 13 56  56  HOH HOH B . 
E 3 HOH 14 57  57  HOH HOH B . 
E 3 HOH 15 58  58  HOH HOH B . 
E 3 HOH 16 65  65  HOH HOH B . 
E 3 HOH 17 66  66  HOH HOH B . 
E 3 HOH 18 67  67  HOH HOH B . 
E 3 HOH 19 73  73  HOH HOH B . 
E 3 HOH 20 74  74  HOH HOH B . 
E 3 HOH 21 75  75  HOH HOH B . 
E 3 HOH 22 78  78  HOH HOH B . 
E 3 HOH 23 84  84  HOH HOH B . 
E 3 HOH 24 87  87  HOH HOH B . 
E 3 HOH 25 88  88  HOH HOH B . 
E 3 HOH 26 90  90  HOH HOH B . 
E 3 HOH 27 92  92  HOH HOH B . 
E 3 HOH 28 96  96  HOH HOH B . 
E 3 HOH 29 97  97  HOH HOH B . 
E 3 HOH 30 100 100 HOH HOH B . 
E 3 HOH 31 102 102 HOH HOH B . 
E 3 HOH 32 105 105 HOH HOH B . 
E 3 HOH 33 107 107 HOH HOH B . 
E 3 HOH 34 109 109 HOH HOH B . 
E 3 HOH 35 117 117 HOH HOH B . 
E 3 HOH 36 119 119 HOH HOH B . 
E 3 HOH 37 120 120 HOH HOH B . 
E 3 HOH 38 123 123 HOH HOH B . 
E 3 HOH 39 124 124 HOH HOH B . 
E 3 HOH 40 129 129 HOH HOH B . 
E 3 HOH 41 130 130 HOH HOH B . 
# 
loop_
_software.name 
_software.classification 
_software.version 
_software.citation_id 
_software.pdbx_ordinal 
NUCLSQ   refinement '(MODIFIED BY G.J.QUIGLEY)' ? 1 
MODIFIED refinement 'BY G.J.QUIGLEY'            ? 2 
# 
_cell.entry_id           2D47 
_cell.length_a           45.200 
_cell.length_b           45.200 
_cell.length_c           65.000 
_cell.angle_alpha        90.00 
_cell.angle_beta         90.00 
_cell.angle_gamma        120.00 
_cell.Z_PDB              12 
_cell.pdbx_unique_axis   ? 
# 
_symmetry.entry_id                         2D47 
_symmetry.space_group_name_H-M             'P 32 2 1' 
_symmetry.pdbx_full_space_group_name_H-M   ? 
_symmetry.cell_setting                     ? 
_symmetry.Int_Tables_number                154 
# 
_exptl.entry_id          2D47 
_exptl.method            'X-RAY DIFFRACTION' 
_exptl.crystals_number   ? 
# 
_exptl_crystal.id                    1 
_exptl_crystal.density_meas          ? 
_exptl_crystal.density_Matthews      2.61 
_exptl_crystal.density_percent_sol   52.96 
_exptl_crystal.description           ? 
# 
_exptl_crystal_grow.crystal_id      1 
_exptl_crystal_grow.method          'VAPOR DIFFUSION' 
_exptl_crystal_grow.temp            ? 
_exptl_crystal_grow.temp_details    'ROOM TEMPERATURE' 
_exptl_crystal_grow.pH              7.00 
_exptl_crystal_grow.pdbx_details    'pH 7.00, VAPOR DIFFUSION' 
_exptl_crystal_grow.pdbx_pH_range   ? 
# 
loop_
_exptl_crystal_grow_comp.crystal_id 
_exptl_crystal_grow_comp.id 
_exptl_crystal_grow_comp.sol_id 
_exptl_crystal_grow_comp.name 
_exptl_crystal_grow_comp.volume 
_exptl_crystal_grow_comp.conc 
_exptl_crystal_grow_comp.details 
1 1 1 WATER           ? ? ? 
1 2 1 MPD             ? ? ? 
1 3 1 'NA CACODYLATE' ? ? ? 
1 4 1 CACL2           ? ? ? 
1 5 1 SPERMINE        ? ? ? 
1 6 2 WATER           ? ? ? 
1 7 2 MPD             ? ? ? 
# 
_diffrn.id                     1 
_diffrn.ambient_temp           293.00 
_diffrn.ambient_temp_details   ? 
_diffrn.crystal_id             1 
# 
_diffrn_detector.diffrn_id              1 
_diffrn_detector.detector               DIFFRACTOMETER 
_diffrn_detector.type                   'ENRAF-NONIUS CAD4' 
_diffrn_detector.pdbx_collection_date   ? 
_diffrn_detector.details                ? 
# 
_diffrn_radiation.diffrn_id                        1 
_diffrn_radiation.wavelength_id                    1 
_diffrn_radiation.pdbx_monochromatic_or_laue_m_l   ? 
_diffrn_radiation.monochromator                    ? 
_diffrn_radiation.pdbx_diffrn_protocol             ? 
_diffrn_radiation.pdbx_scattering_type             x-ray 
# 
_diffrn_radiation_wavelength.id           1 
_diffrn_radiation_wavelength.wavelength   . 
_diffrn_radiation_wavelength.wt           1.0 
# 
_diffrn_source.diffrn_id                   1 
_diffrn_source.source                      ? 
_diffrn_source.type                        ? 
_diffrn_source.pdbx_synchrotron_site       ? 
_diffrn_source.pdbx_synchrotron_beamline   ? 
_diffrn_source.pdbx_wavelength             ? 
_diffrn_source.pdbx_wavelength_list        ? 
# 
_reflns.entry_id                     2D47 
_reflns.observed_criterion_sigma_I   ? 
_reflns.observed_criterion_sigma_F   2.000 
_reflns.d_resolution_low             25.000 
_reflns.d_resolution_high            1.900 
_reflns.number_obs                   2333 
_reflns.number_all                   ? 
_reflns.percent_possible_obs         ? 
_reflns.pdbx_Rmerge_I_obs            ? 
_reflns.pdbx_Rsym_value              ? 
_reflns.pdbx_netI_over_sigmaI        ? 
_reflns.B_iso_Wilson_estimate        ? 
_reflns.pdbx_redundancy              ? 
_reflns.pdbx_diffrn_id               1 
_reflns.pdbx_ordinal                 1 
# 
_refine.entry_id                                 2D47 
_refine.ls_number_reflns_obs                     2082 
_refine.ls_number_reflns_all                     ? 
_refine.pdbx_ls_sigma_I                          ? 
_refine.pdbx_ls_sigma_F                          3.000 
_refine.pdbx_data_cutoff_high_absF               ? 
_refine.pdbx_data_cutoff_low_absF                ? 
_refine.pdbx_data_cutoff_high_rms_absF           ? 
_refine.ls_d_res_low                             7.000 
_refine.ls_d_res_high                            2.000 
_refine.ls_percent_reflns_obs                    ? 
_refine.ls_R_factor_obs                          0.1770000 
_refine.ls_R_factor_all                          ? 
_refine.ls_R_factor_R_work                       ? 
_refine.ls_R_factor_R_free                       ? 
_refine.ls_R_factor_R_free_error                 ? 
_refine.ls_R_factor_R_free_error_details         ? 
_refine.ls_percent_reflns_R_free                 ? 
_refine.ls_number_reflns_R_free                  ? 
_refine.ls_number_parameters                     ? 
_refine.ls_number_restraints                     ? 
_refine.occupancy_min                            ? 
_refine.occupancy_max                            ? 
_refine.B_iso_mean                               ? 
_refine.aniso_B[1][1]                            ? 
_refine.aniso_B[2][2]                            ? 
_refine.aniso_B[3][3]                            ? 
_refine.aniso_B[1][2]                            ? 
_refine.aniso_B[1][3]                            ? 
_refine.aniso_B[2][3]                            ? 
_refine.solvent_model_details                    ? 
_refine.solvent_model_param_ksol                 ? 
_refine.solvent_model_param_bsol                 ? 
_refine.pdbx_ls_cross_valid_method               ? 
_refine.details                                  ? 
_refine.pdbx_starting_model                      ? 
_refine.pdbx_method_to_determine_struct          ? 
_refine.pdbx_isotropic_thermal_model             ? 
_refine.pdbx_stereochemistry_target_values       ? 
_refine.pdbx_stereochem_target_val_spec_case     ? 
_refine.pdbx_R_Free_selection_details            ? 
_refine.pdbx_overall_ESU_R                       ? 
_refine.pdbx_overall_ESU_R_Free                  ? 
_refine.overall_SU_ML                            ? 
_refine.overall_SU_B                             ? 
_refine.pdbx_refine_id                           'X-RAY DIFFRACTION' 
_refine.pdbx_diffrn_id                           1 
_refine.pdbx_TLS_residual_ADP_flag               ? 
_refine.correlation_coeff_Fo_to_Fc               ? 
_refine.correlation_coeff_Fo_to_Fc_free          ? 
_refine.pdbx_solvent_vdw_probe_radii             ? 
_refine.pdbx_solvent_ion_probe_radii             ? 
_refine.pdbx_solvent_shrinkage_radii             ? 
_refine.pdbx_overall_phase_error                 ? 
_refine.overall_SU_R_Cruickshank_DPI             ? 
_refine.pdbx_overall_SU_R_free_Cruickshank_DPI   ? 
_refine.pdbx_overall_SU_R_Blow_DPI               ? 
_refine.pdbx_overall_SU_R_free_Blow_DPI          ? 
# 
_refine_hist.pdbx_refine_id                   'X-RAY DIFFRACTION' 
_refine_hist.cycle_id                         LAST 
_refine_hist.pdbx_number_atoms_protein        0 
_refine_hist.pdbx_number_atoms_nucleic_acid   486 
_refine_hist.pdbx_number_atoms_ligand         14 
_refine_hist.number_atoms_solvent             107 
_refine_hist.number_atoms_total               607 
_refine_hist.d_res_high                       2.000 
_refine_hist.d_res_low                        7.000 
# 
_struct.entry_id                  2D47 
_struct.title                     'MOLECULAR STRUCTURE OF A COMPLETE TURN OF A-DNA' 
_struct.pdbx_model_details        ? 
_struct.pdbx_CASP_flag            ? 
_struct.pdbx_model_type_details   ? 
# 
_struct_keywords.entry_id        2D47 
_struct_keywords.pdbx_keywords   DNA 
_struct_keywords.text            'A-DNA, DOUBLE HELIX, DNA' 
# 
loop_
_struct_asym.id 
_struct_asym.pdbx_blank_PDB_chainid_flag 
_struct_asym.pdbx_modified 
_struct_asym.entity_id 
_struct_asym.details 
A N N 1 ? 
B N N 1 ? 
C N N 2 ? 
D N N 3 ? 
E N N 3 ? 
# 
_struct_ref.id                         1 
_struct_ref.entity_id                  1 
_struct_ref.db_name                    PDB 
_struct_ref.db_code                    2D47 
_struct_ref.pdbx_db_accession          2D47 
_struct_ref.pdbx_db_isoform            ? 
_struct_ref.pdbx_seq_one_letter_code   ? 
_struct_ref.pdbx_align_begin           ? 
# 
loop_
_struct_ref_seq.align_id 
_struct_ref_seq.ref_id 
_struct_ref_seq.pdbx_PDB_id_code 
_struct_ref_seq.pdbx_strand_id 
_struct_ref_seq.seq_align_beg 
_struct_ref_seq.pdbx_seq_align_beg_ins_code 
_struct_ref_seq.seq_align_end 
_struct_ref_seq.pdbx_seq_align_end_ins_code 
_struct_ref_seq.pdbx_db_accession 
_struct_ref_seq.db_align_beg 
_struct_ref_seq.pdbx_db_align_beg_ins_code 
_struct_ref_seq.db_align_end 
_struct_ref_seq.pdbx_db_align_end_ins_code 
_struct_ref_seq.pdbx_auth_seq_align_beg 
_struct_ref_seq.pdbx_auth_seq_align_end 
1 1 2D47 A 1 ? 12 ? 2D47 1  ? 12 ? 1  12 
2 1 2D47 B 1 ? 12 ? 2D47 13 ? 24 ? 13 24 
# 
_pdbx_struct_assembly.id                   1 
_pdbx_struct_assembly.details              author_defined_assembly 
_pdbx_struct_assembly.method_details       ? 
_pdbx_struct_assembly.oligomeric_details   dimeric 
_pdbx_struct_assembly.oligomeric_count     2 
# 
_pdbx_struct_assembly_gen.assembly_id       1 
_pdbx_struct_assembly_gen.oper_expression   1 
_pdbx_struct_assembly_gen.asym_id_list      A,B,C,D,E 
# 
_pdbx_struct_oper_list.id                   1 
_pdbx_struct_oper_list.type                 'identity operation' 
_pdbx_struct_oper_list.name                 1_555 
_pdbx_struct_oper_list.symmetry_operation   x,y,z 
_pdbx_struct_oper_list.matrix[1][1]         1.0000000000 
_pdbx_struct_oper_list.matrix[1][2]         0.0000000000 
_pdbx_struct_oper_list.matrix[1][3]         0.0000000000 
_pdbx_struct_oper_list.vector[1]            0.0000000000 
_pdbx_struct_oper_list.matrix[2][1]         0.0000000000 
_pdbx_struct_oper_list.matrix[2][2]         1.0000000000 
_pdbx_struct_oper_list.matrix[2][3]         0.0000000000 
_pdbx_struct_oper_list.vector[2]            0.0000000000 
_pdbx_struct_oper_list.matrix[3][1]         0.0000000000 
_pdbx_struct_oper_list.matrix[3][2]         0.0000000000 
_pdbx_struct_oper_list.matrix[3][3]         1.0000000000 
_pdbx_struct_oper_list.vector[3]            0.0000000000 
# 
_struct_biol.id   1 
# 
loop_
_struct_conn.id 
_struct_conn.conn_type_id 
_struct_conn.pdbx_leaving_atom_flag 
_struct_conn.pdbx_PDB_id 
_struct_conn.ptnr1_label_asym_id 
_struct_conn.ptnr1_label_comp_id 
_struct_conn.ptnr1_label_seq_id 
_struct_conn.ptnr1_label_atom_id 
_struct_conn.pdbx_ptnr1_label_alt_id 
_struct_conn.pdbx_ptnr1_PDB_ins_code 
_struct_conn.pdbx_ptnr1_standard_comp_id 
_struct_conn.ptnr1_symmetry 
_struct_conn.ptnr2_label_asym_id 
_struct_conn.ptnr2_label_comp_id 
_struct_conn.ptnr2_label_seq_id 
_struct_conn.ptnr2_label_atom_id 
_struct_conn.pdbx_ptnr2_label_alt_id 
_struct_conn.pdbx_ptnr2_PDB_ins_code 
_struct_conn.ptnr1_auth_asym_id 
_struct_conn.ptnr1_auth_comp_id 
_struct_conn.ptnr1_auth_seq_id 
_struct_conn.ptnr2_auth_asym_id 
_struct_conn.ptnr2_auth_comp_id 
_struct_conn.ptnr2_auth_seq_id 
_struct_conn.ptnr2_symmetry 
_struct_conn.pdbx_ptnr3_label_atom_id 
_struct_conn.pdbx_ptnr3_label_seq_id 
_struct_conn.pdbx_ptnr3_label_comp_id 
_struct_conn.pdbx_ptnr3_label_asym_id 
_struct_conn.pdbx_ptnr3_label_alt_id 
_struct_conn.pdbx_ptnr3_PDB_ins_code 
_struct_conn.details 
_struct_conn.pdbx_dist_value 
_struct_conn.pdbx_value_order 
_struct_conn.pdbx_role 
hydrog1  hydrog ? ? A DC 1  N3 ? ? ? 1_555 B DG 12 N1 ? ? A DC 1  B DG 24 1_555 ? ? ? ? ? ? WATSON-CRICK ? ? ? 
hydrog2  hydrog ? ? A DC 1  N4 ? ? ? 1_555 B DG 12 O6 ? ? A DC 1  B DG 24 1_555 ? ? ? ? ? ? WATSON-CRICK ? ? ? 
hydrog3  hydrog ? ? A DC 1  O2 ? ? ? 1_555 B DG 12 N2 ? ? A DC 1  B DG 24 1_555 ? ? ? ? ? ? WATSON-CRICK ? ? ? 
hydrog4  hydrog ? ? A DC 2  N3 ? ? ? 1_555 B DG 11 N1 ? ? A DC 2  B DG 23 1_555 ? ? ? ? ? ? WATSON-CRICK ? ? ? 
hydrog5  hydrog ? ? A DC 2  N4 ? ? ? 1_555 B DG 11 O6 ? ? A DC 2  B DG 23 1_555 ? ? ? ? ? ? WATSON-CRICK ? ? ? 
hydrog6  hydrog ? ? A DC 2  O2 ? ? ? 1_555 B DG 11 N2 ? ? A DC 2  B DG 23 1_555 ? ? ? ? ? ? WATSON-CRICK ? ? ? 
hydrog7  hydrog ? ? A DC 3  N3 ? ? ? 1_555 B DG 10 N1 ? ? A DC 3  B DG 22 1_555 ? ? ? ? ? ? WATSON-CRICK ? ? ? 
hydrog8  hydrog ? ? A DC 3  N4 ? ? ? 1_555 B DG 10 O6 ? ? A DC 3  B DG 22 1_555 ? ? ? ? ? ? WATSON-CRICK ? ? ? 
hydrog9  hydrog ? ? A DC 3  O2 ? ? ? 1_555 B DG 10 N2 ? ? A DC 3  B DG 22 1_555 ? ? ? ? ? ? WATSON-CRICK ? ? ? 
hydrog10 hydrog ? ? A DC 4  N3 ? ? ? 1_555 B DG 9  N1 ? ? A DC 4  B DG 21 1_555 ? ? ? ? ? ? WATSON-CRICK ? ? ? 
hydrog11 hydrog ? ? A DC 4  N4 ? ? ? 1_555 B DG 9  O6 ? ? A DC 4  B DG 21 1_555 ? ? ? ? ? ? WATSON-CRICK ? ? ? 
hydrog12 hydrog ? ? A DC 4  O2 ? ? ? 1_555 B DG 9  N2 ? ? A DC 4  B DG 21 1_555 ? ? ? ? ? ? WATSON-CRICK ? ? ? 
hydrog13 hydrog ? ? A DC 5  N3 ? ? ? 1_555 B DG 8  N1 ? ? A DC 5  B DG 20 1_555 ? ? ? ? ? ? WATSON-CRICK ? ? ? 
hydrog14 hydrog ? ? A DC 5  N4 ? ? ? 1_555 B DG 8  O6 ? ? A DC 5  B DG 20 1_555 ? ? ? ? ? ? WATSON-CRICK ? ? ? 
hydrog15 hydrog ? ? A DC 5  O2 ? ? ? 1_555 B DG 8  N2 ? ? A DC 5  B DG 20 1_555 ? ? ? ? ? ? WATSON-CRICK ? ? ? 
hydrog16 hydrog ? ? A DG 6  N1 ? ? ? 1_555 B DC 7  N3 ? ? A DG 6  B DC 19 1_555 ? ? ? ? ? ? WATSON-CRICK ? ? ? 
hydrog17 hydrog ? ? A DG 6  N2 ? ? ? 1_555 B DC 7  O2 ? ? A DG 6  B DC 19 1_555 ? ? ? ? ? ? WATSON-CRICK ? ? ? 
hydrog18 hydrog ? ? A DG 6  O6 ? ? ? 1_555 B DC 7  N4 ? ? A DG 6  B DC 19 1_555 ? ? ? ? ? ? WATSON-CRICK ? ? ? 
hydrog19 hydrog ? ? A DC 7  N3 ? ? ? 1_555 B DG 6  N1 ? ? A DC 7  B DG 18 1_555 ? ? ? ? ? ? WATSON-CRICK ? ? ? 
hydrog20 hydrog ? ? A DC 7  N4 ? ? ? 1_555 B DG 6  O6 ? ? A DC 7  B DG 18 1_555 ? ? ? ? ? ? WATSON-CRICK ? ? ? 
hydrog21 hydrog ? ? A DC 7  O2 ? ? ? 1_555 B DG 6  N2 ? ? A DC 7  B DG 18 1_555 ? ? ? ? ? ? WATSON-CRICK ? ? ? 
hydrog22 hydrog ? ? A DG 8  N1 ? ? ? 1_555 B DC 5  N3 ? ? A DG 8  B DC 17 1_555 ? ? ? ? ? ? WATSON-CRICK ? ? ? 
hydrog23 hydrog ? ? A DG 8  N2 ? ? ? 1_555 B DC 5  O2 ? ? A DG 8  B DC 17 1_555 ? ? ? ? ? ? WATSON-CRICK ? ? ? 
hydrog24 hydrog ? ? A DG 8  O6 ? ? ? 1_555 B DC 5  N4 ? ? A DG 8  B DC 17 1_555 ? ? ? ? ? ? WATSON-CRICK ? ? ? 
hydrog25 hydrog ? ? A DG 9  N1 ? ? ? 1_555 B DC 4  N3 ? ? A DG 9  B DC 16 1_555 ? ? ? ? ? ? WATSON-CRICK ? ? ? 
hydrog26 hydrog ? ? A DG 9  N2 ? ? ? 1_555 B DC 4  O2 ? ? A DG 9  B DC 16 1_555 ? ? ? ? ? ? WATSON-CRICK ? ? ? 
hydrog27 hydrog ? ? A DG 9  O6 ? ? ? 1_555 B DC 4  N4 ? ? A DG 9  B DC 16 1_555 ? ? ? ? ? ? WATSON-CRICK ? ? ? 
hydrog28 hydrog ? ? A DG 10 N1 ? ? ? 1_555 B DC 3  N3 ? ? A DG 10 B DC 15 1_555 ? ? ? ? ? ? WATSON-CRICK ? ? ? 
hydrog29 hydrog ? ? A DG 10 N2 ? ? ? 1_555 B DC 3  O2 ? ? A DG 10 B DC 15 1_555 ? ? ? ? ? ? WATSON-CRICK ? ? ? 
hydrog30 hydrog ? ? A DG 10 O6 ? ? ? 1_555 B DC 3  N4 ? ? A DG 10 B DC 15 1_555 ? ? ? ? ? ? WATSON-CRICK ? ? ? 
hydrog31 hydrog ? ? A DG 11 N1 ? ? ? 1_555 B DC 2  N3 ? ? A DG 11 B DC 14 1_555 ? ? ? ? ? ? WATSON-CRICK ? ? ? 
hydrog32 hydrog ? ? A DG 11 N2 ? ? ? 1_555 B DC 2  O2 ? ? A DG 11 B DC 14 1_555 ? ? ? ? ? ? WATSON-CRICK ? ? ? 
hydrog33 hydrog ? ? A DG 11 O6 ? ? ? 1_555 B DC 2  N4 ? ? A DG 11 B DC 14 1_555 ? ? ? ? ? ? WATSON-CRICK ? ? ? 
hydrog34 hydrog ? ? A DG 12 N1 ? ? ? 1_555 B DC 1  N3 ? ? A DG 12 B DC 13 1_555 ? ? ? ? ? ? WATSON-CRICK ? ? ? 
hydrog35 hydrog ? ? A DG 12 N2 ? ? ? 1_555 B DC 1  O2 ? ? A DG 12 B DC 13 1_555 ? ? ? ? ? ? WATSON-CRICK ? ? ? 
hydrog36 hydrog ? ? A DG 12 O6 ? ? ? 1_555 B DC 1  N4 ? ? A DG 12 B DC 13 1_555 ? ? ? ? ? ? WATSON-CRICK ? ? ? 
# 
_struct_conn_type.id          hydrog 
_struct_conn_type.criteria    ? 
_struct_conn_type.reference   ? 
# 
_struct_site.id                   AC1 
_struct_site.pdbx_evidence_code   Software 
_struct_site.pdbx_auth_asym_id    A 
_struct_site.pdbx_auth_comp_id    SPM 
_struct_site.pdbx_auth_seq_id     25 
_struct_site.pdbx_auth_ins_code   ? 
_struct_site.pdbx_num_residues    9 
_struct_site.details              'BINDING SITE FOR RESIDUE SPM A 25' 
# 
loop_
_struct_site_gen.id 
_struct_site_gen.site_id 
_struct_site_gen.pdbx_num_res 
_struct_site_gen.label_comp_id 
_struct_site_gen.label_asym_id 
_struct_site_gen.label_seq_id 
_struct_site_gen.pdbx_auth_ins_code 
_struct_site_gen.auth_comp_id 
_struct_site_gen.auth_asym_id 
_struct_site_gen.auth_seq_id 
_struct_site_gen.label_atom_id 
_struct_site_gen.label_alt_id 
_struct_site_gen.symmetry 
_struct_site_gen.details 
1 AC1 9 DC A 4 ? DC A 4  . ? 1_555 ? 
2 AC1 9 DC A 5 ? DC A 5  . ? 1_555 ? 
3 AC1 9 DG A 6 ? DG A 6  . ? 1_555 ? 
4 AC1 9 DC A 7 ? DC A 7  . ? 1_555 ? 
5 AC1 9 DG A 8 ? DG A 8  . ? 1_555 ? 
6 AC1 9 DC B 3 ? DC B 15 . ? 1_555 ? 
7 AC1 9 DC B 5 ? DC B 17 . ? 1_555 ? 
8 AC1 9 DG B 6 ? DG B 18 . ? 1_555 ? 
9 AC1 9 DC B 7 ? DC B 19 . ? 1_555 ? 
# 
loop_
_pdbx_validate_close_contact.id 
_pdbx_validate_close_contact.PDB_model_num 
_pdbx_validate_close_contact.auth_atom_id_1 
_pdbx_validate_close_contact.auth_asym_id_1 
_pdbx_validate_close_contact.auth_comp_id_1 
_pdbx_validate_close_contact.auth_seq_id_1 
_pdbx_validate_close_contact.PDB_ins_code_1 
_pdbx_validate_close_contact.label_alt_id_1 
_pdbx_validate_close_contact.auth_atom_id_2 
_pdbx_validate_close_contact.auth_asym_id_2 
_pdbx_validate_close_contact.auth_comp_id_2 
_pdbx_validate_close_contact.auth_seq_id_2 
_pdbx_validate_close_contact.PDB_ins_code_2 
_pdbx_validate_close_contact.label_alt_id_2 
_pdbx_validate_close_contact.dist 
1 1 O A HOH 45 ? ? O A HOH 64  ? ? 0.00 
2 1 O A HOH 61 ? ? O A HOH 112 ? ? 1.15 
# 
loop_
_pdbx_validate_symm_contact.id 
_pdbx_validate_symm_contact.PDB_model_num 
_pdbx_validate_symm_contact.auth_atom_id_1 
_pdbx_validate_symm_contact.auth_asym_id_1 
_pdbx_validate_symm_contact.auth_comp_id_1 
_pdbx_validate_symm_contact.auth_seq_id_1 
_pdbx_validate_symm_contact.PDB_ins_code_1 
_pdbx_validate_symm_contact.label_alt_id_1 
_pdbx_validate_symm_contact.site_symmetry_1 
_pdbx_validate_symm_contact.auth_atom_id_2 
_pdbx_validate_symm_contact.auth_asym_id_2 
_pdbx_validate_symm_contact.auth_comp_id_2 
_pdbx_validate_symm_contact.auth_seq_id_2 
_pdbx_validate_symm_contact.PDB_ins_code_2 
_pdbx_validate_symm_contact.label_alt_id_2 
_pdbx_validate_symm_contact.site_symmetry_2 
_pdbx_validate_symm_contact.dist 
1 1 O  A HOH 42  ? ? 1_555 O     B HOH 29  ? ? 4_555 1.81 
2 1 O  A HOH 111 ? ? 1_555 O     A HOH 111 ? ? 6_555 2.05 
3 1 N4 A DC  1   ? ? 1_555 "C5'" A DG  9   ? ? 4_565 2.16 
# 
loop_
_pdbx_validate_rmsd_bond.id 
_pdbx_validate_rmsd_bond.PDB_model_num 
_pdbx_validate_rmsd_bond.auth_atom_id_1 
_pdbx_validate_rmsd_bond.auth_asym_id_1 
_pdbx_validate_rmsd_bond.auth_comp_id_1 
_pdbx_validate_rmsd_bond.auth_seq_id_1 
_pdbx_validate_rmsd_bond.PDB_ins_code_1 
_pdbx_validate_rmsd_bond.label_alt_id_1 
_pdbx_validate_rmsd_bond.auth_atom_id_2 
_pdbx_validate_rmsd_bond.auth_asym_id_2 
_pdbx_validate_rmsd_bond.auth_comp_id_2 
_pdbx_validate_rmsd_bond.auth_seq_id_2 
_pdbx_validate_rmsd_bond.PDB_ins_code_2 
_pdbx_validate_rmsd_bond.label_alt_id_2 
_pdbx_validate_rmsd_bond.bond_value 
_pdbx_validate_rmsd_bond.bond_target_value 
_pdbx_validate_rmsd_bond.bond_deviation 
_pdbx_validate_rmsd_bond.bond_standard_deviation 
_pdbx_validate_rmsd_bond.linker_flag 
1  1 "C2'" A DC 1  ? ? "C1'" A DC 1  ? ? 1.448 1.518 -0.070 0.010 N 
2  1 "O4'" A DC 1  ? ? "C1'" A DC 1  ? ? 1.544 1.420 0.124  0.011 N 
3  1 N3    A DC 2  ? ? C4    A DC 2  ? ? 1.385 1.335 0.050  0.007 N 
4  1 "O4'" A DC 3  ? ? "C1'" A DC 3  ? ? 1.496 1.420 0.076  0.011 N 
5  1 N3    A DC 3  ? ? C4    A DC 3  ? ? 1.391 1.335 0.056  0.007 N 
6  1 C4    A DC 3  ? ? C5    A DC 3  ? ? 1.372 1.425 -0.053 0.008 N 
7  1 "O4'" A DC 4  ? ? "C1'" A DC 4  ? ? 1.492 1.420 0.072  0.011 N 
8  1 P     A DC 5  ? ? "O5'" A DC 5  ? ? 1.530 1.593 -0.063 0.010 N 
9  1 P     A DG 6  ? ? "O5'" A DG 6  ? ? 1.664 1.593 0.071  0.010 N 
10 1 "O4'" A DG 6  ? ? "C4'" A DG 6  ? ? 1.376 1.446 -0.070 0.010 N 
11 1 "C5'" A DG 9  ? ? "C4'" A DG 9  ? ? 1.578 1.512 0.066  0.007 N 
12 1 N7    A DG 9  ? ? C8    A DG 9  ? ? 1.343 1.305 0.038  0.006 N 
13 1 P     A DG 10 ? ? "O5'" A DG 10 ? ? 1.661 1.593 0.068  0.010 N 
14 1 "O4'" A DG 10 ? ? "C1'" A DG 10 ? ? 1.505 1.420 0.085  0.011 N 
15 1 "C5'" B DC 13 ? ? "C4'" B DC 13 ? ? 1.555 1.512 0.043  0.007 N 
16 1 C4    B DC 13 ? ? C5    B DC 13 ? ? 1.476 1.425 0.051  0.008 N 
17 1 "O5'" B DC 14 ? ? "C5'" B DC 14 ? ? 1.540 1.440 0.100  0.016 N 
18 1 N3    B DC 14 ? ? C4    B DC 14 ? ? 1.384 1.335 0.049  0.007 N 
19 1 "O4'" B DC 15 ? ? "C1'" B DC 15 ? ? 1.489 1.420 0.069  0.011 N 
20 1 "O3'" B DC 15 ? ? "C3'" B DC 15 ? ? 1.369 1.419 -0.050 0.006 N 
21 1 P     B DC 16 ? ? "O5'" B DC 16 ? ? 1.656 1.593 0.063  0.010 N 
22 1 "C5'" B DG 18 ? ? "C4'" B DG 18 ? ? 1.569 1.512 0.057  0.007 N 
23 1 "O3'" B DG 18 ? ? P     B DC 19 ? ? 1.688 1.607 0.081  0.012 Y 
24 1 N3    B DC 19 ? ? C4    B DC 19 ? ? 1.380 1.335 0.045  0.007 N 
25 1 P     B DG 21 ? ? "O5'" B DG 21 ? ? 1.682 1.593 0.089  0.010 N 
26 1 C6    B DG 21 ? ? N1    B DG 21 ? ? 1.346 1.391 -0.045 0.007 N 
27 1 C5    B DG 21 ? ? N7    B DG 21 ? ? 1.426 1.388 0.038  0.006 N 
28 1 "O5'" B DG 22 ? ? "C5'" B DG 22 ? ? 1.541 1.440 0.101  0.016 N 
29 1 "C4'" B DG 23 ? ? "C3'" B DG 23 ? ? 1.615 1.529 0.086  0.010 N 
30 1 "C2'" B DG 23 ? ? "C1'" B DG 23 ? ? 1.579 1.519 0.060  0.010 N 
31 1 "O4'" B DG 23 ? ? "C4'" B DG 23 ? ? 1.366 1.446 -0.080 0.010 N 
32 1 "O3'" B DG 23 ? ? "C3'" B DG 23 ? ? 1.308 1.419 -0.111 0.006 N 
33 1 C2    B DG 23 ? ? N3    B DG 23 ? ? 1.374 1.323 0.051  0.008 N 
34 1 "O3'" B DG 23 ? ? P     B DG 24 ? ? 1.531 1.607 -0.076 0.012 Y 
# 
loop_
_pdbx_validate_rmsd_angle.id 
_pdbx_validate_rmsd_angle.PDB_model_num 
_pdbx_validate_rmsd_angle.auth_atom_id_1 
_pdbx_validate_rmsd_angle.auth_asym_id_1 
_pdbx_validate_rmsd_angle.auth_comp_id_1 
_pdbx_validate_rmsd_angle.auth_seq_id_1 
_pdbx_validate_rmsd_angle.PDB_ins_code_1 
_pdbx_validate_rmsd_angle.label_alt_id_1 
_pdbx_validate_rmsd_angle.auth_atom_id_2 
_pdbx_validate_rmsd_angle.auth_asym_id_2 
_pdbx_validate_rmsd_angle.auth_comp_id_2 
_pdbx_validate_rmsd_angle.auth_seq_id_2 
_pdbx_validate_rmsd_angle.PDB_ins_code_2 
_pdbx_validate_rmsd_angle.label_alt_id_2 
_pdbx_validate_rmsd_angle.auth_atom_id_3 
_pdbx_validate_rmsd_angle.auth_asym_id_3 
_pdbx_validate_rmsd_angle.auth_comp_id_3 
_pdbx_validate_rmsd_angle.auth_seq_id_3 
_pdbx_validate_rmsd_angle.PDB_ins_code_3 
_pdbx_validate_rmsd_angle.label_alt_id_3 
_pdbx_validate_rmsd_angle.angle_value 
_pdbx_validate_rmsd_angle.angle_target_value 
_pdbx_validate_rmsd_angle.angle_deviation 
_pdbx_validate_rmsd_angle.angle_standard_deviation 
_pdbx_validate_rmsd_angle.linker_flag 
1   1 "O4'" A DC 1  ? ? "C1'" A DC 1  ? ? N1    A DC 1  ? ? 101.17 108.00 -6.83  0.70 N 
2   1 C5    A DC 1  ? ? C4    A DC 1  ? ? N4    A DC 1  ? ? 124.67 120.20 4.47   0.70 N 
3   1 "C5'" A DC 2  ? ? "C4'" A DC 2  ? ? "O4'" A DC 2  ? ? 116.54 109.80 6.74   1.10 N 
4   1 "O4'" A DC 2  ? ? "C1'" A DC 2  ? ? N1    A DC 2  ? ? 114.40 108.30 6.10   0.30 N 
5   1 N3    A DC 2  ? ? C4    A DC 2  ? ? C5    A DC 2  ? ? 118.85 121.90 -3.05  0.40 N 
6   1 "O5'" A DC 3  ? ? "C5'" A DC 3  ? ? "C4'" A DC 3  ? ? 104.57 109.40 -4.83  0.80 N 
7   1 C2    A DC 3  ? ? N3    A DC 3  ? ? C4    A DC 3  ? ? 123.29 119.90 3.39   0.50 N 
8   1 N3    A DC 3  ? ? C2    A DC 3  ? ? O2    A DC 3  ? ? 126.42 121.90 4.52   0.70 N 
9   1 "O5'" A DC 4  ? ? "C5'" A DC 4  ? ? "C4'" A DC 4  ? ? 100.37 109.40 -9.03  0.80 N 
10  1 "C1'" A DC 4  ? ? "O4'" A DC 4  ? ? "C4'" A DC 4  ? ? 103.35 110.10 -6.75  1.00 N 
11  1 "O4'" A DC 4  ? ? "C1'" A DC 4  ? ? "C2'" A DC 4  ? ? 111.42 106.80 4.62   0.50 N 
12  1 "C3'" A DC 4  ? ? "O3'" A DC 4  ? ? P     A DC 5  ? ? 110.90 119.70 -8.80  1.20 Y 
13  1 OP1   A DC 5  ? ? P     A DC 5  ? ? OP2   A DC 5  ? ? 109.73 119.60 -9.87  1.50 N 
14  1 "O5'" A DC 5  ? ? P     A DC 5  ? ? OP1   A DC 5  ? ? 121.04 110.70 10.34  1.20 N 
15  1 P     A DC 5  ? ? "O5'" A DC 5  ? ? "C5'" A DC 5  ? ? 146.35 120.90 25.45  1.60 N 
16  1 C2    A DC 5  ? ? N3    A DC 5  ? ? C4    A DC 5  ? ? 123.18 119.90 3.28   0.50 N 
17  1 N3    A DC 5  ? ? C4    A DC 5  ? ? C5    A DC 5  ? ? 118.75 121.90 -3.15  0.40 N 
18  1 P     A DG 6  ? ? "O5'" A DG 6  ? ? "C5'" A DG 6  ? ? 111.18 120.90 -9.72  1.60 N 
19  1 "O4'" A DG 6  ? ? "C1'" A DG 6  ? ? "C2'" A DG 6  ? ? 109.90 106.80 3.10   0.50 N 
20  1 "O4'" A DG 6  ? ? "C1'" A DG 6  ? ? N9    A DG 6  ? ? 112.68 108.30 4.38   0.30 N 
21  1 C5    A DG 6  ? ? C6    A DG 6  ? ? N1    A DG 6  ? ? 115.42 111.50 3.92   0.50 N 
22  1 "O5'" A DC 7  ? ? "C5'" A DC 7  ? ? "C4'" A DC 7  ? ? 104.12 109.40 -5.28  0.80 N 
23  1 P     A DC 7  ? ? "O5'" A DC 7  ? ? "C5'" A DC 7  ? ? 130.51 120.90 9.61   1.60 N 
24  1 "O4'" A DC 7  ? ? "C1'" A DC 7  ? ? N1    A DC 7  ? ? 110.50 108.30 2.20   0.30 N 
25  1 "C3'" A DC 7  ? ? "O3'" A DC 7  ? ? P     A DG 8  ? ? 128.91 119.70 9.21   1.20 Y 
26  1 OP1   A DG 8  ? ? P     A DG 8  ? ? OP2   A DG 8  ? ? 110.45 119.60 -9.15  1.50 N 
27  1 "O5'" A DG 8  ? ? P     A DG 8  ? ? OP2   A DG 8  ? ? 118.74 110.70 8.04   1.20 N 
28  1 "C4'" A DG 8  ? ? "C3'" A DG 8  ? ? "C2'" A DG 8  ? ? 97.87  102.20 -4.33  0.70 N 
29  1 "O4'" A DG 8  ? ? "C1'" A DG 8  ? ? N9    A DG 8  ? ? 113.58 108.30 5.28   0.30 N 
30  1 N1    A DG 8  ? ? C6    A DG 8  ? ? O6    A DG 8  ? ? 114.26 119.90 -5.64  0.60 N 
31  1 "C3'" A DG 8  ? ? "O3'" A DG 8  ? ? P     A DG 9  ? ? 127.62 119.70 7.92   1.20 Y 
32  1 OP1   A DG 9  ? ? P     A DG 9  ? ? OP2   A DG 9  ? ? 105.22 119.60 -14.38 1.50 N 
33  1 P     A DG 9  ? ? "O5'" A DG 9  ? ? "C5'" A DG 9  ? ? 130.76 120.90 9.86   1.60 N 
34  1 "O4'" A DG 9  ? ? "C1'" A DG 9  ? ? N9    A DG 9  ? ? 121.98 108.30 13.68  0.30 N 
35  1 C6    A DG 9  ? ? N1    A DG 9  ? ? C2    A DG 9  ? ? 120.85 125.10 -4.25  0.60 N 
36  1 C5    A DG 9  ? ? C6    A DG 9  ? ? N1    A DG 9  ? ? 114.81 111.50 3.31   0.50 N 
37  1 "O4'" A DG 10 ? ? "C1'" A DG 10 ? ? N9    A DG 10 ? ? 112.93 108.30 4.63   0.30 N 
38  1 C5    A DG 10 ? ? C6    A DG 10 ? ? N1    A DG 10 ? ? 114.74 111.50 3.24   0.50 N 
39  1 C8    A DG 10 ? ? N9    A DG 10 ? ? C4    A DG 10 ? ? 103.88 106.40 -2.52  0.40 N 
40  1 N1    A DG 10 ? ? C6    A DG 10 ? ? O6    A DG 10 ? ? 115.70 119.90 -4.20  0.60 N 
41  1 P     A DG 11 ? ? "O5'" A DG 11 ? ? "C5'" A DG 11 ? ? 110.78 120.90 -10.12 1.60 N 
42  1 "C1'" A DG 11 ? ? "O4'" A DG 11 ? ? "C4'" A DG 11 ? ? 115.46 110.30 5.16   0.70 N 
43  1 "O4'" A DG 11 ? ? "C1'" A DG 11 ? ? N9    A DG 11 ? ? 115.98 108.30 7.68   0.30 N 
44  1 C6    A DG 11 ? ? N1    A DG 11 ? ? C2    A DG 11 ? ? 121.26 125.10 -3.84  0.60 N 
45  1 C5    A DG 11 ? ? C6    A DG 11 ? ? N1    A DG 11 ? ? 115.19 111.50 3.69   0.50 N 
46  1 "C3'" A DG 11 ? ? "O3'" A DG 11 ? ? P     A DG 12 ? ? 133.95 119.70 14.25  1.20 Y 
47  1 OP1   A DG 12 ? ? P     A DG 12 ? ? OP2   A DG 12 ? ? 106.69 119.60 -12.91 1.50 N 
48  1 N9    A DG 12 ? ? "C1'" A DG 12 ? ? "C2'" A DG 12 ? ? 98.92  112.60 -13.68 1.90 N 
49  1 "O4'" A DG 12 ? ? "C1'" A DG 12 ? ? N9    A DG 12 ? ? 120.04 108.30 11.74  0.30 N 
50  1 "O5'" B DC 13 ? ? "C5'" B DC 13 ? ? "C4'" B DC 13 ? ? 99.45  109.40 -9.95  0.80 N 
51  1 "O4'" B DC 13 ? ? "C1'" B DC 13 ? ? N1    B DC 13 ? ? 111.71 108.30 3.41   0.30 N 
52  1 N3    B DC 13 ? ? C4    B DC 13 ? ? C5    B DC 13 ? ? 119.25 121.90 -2.65  0.40 N 
53  1 N3    B DC 13 ? ? C4    B DC 13 ? ? N4    B DC 13 ? ? 122.36 118.00 4.36   0.70 N 
54  1 "O5'" B DC 14 ? ? "C5'" B DC 14 ? ? "C4'" B DC 14 ? ? 99.04  109.40 -10.36 0.80 N 
55  1 P     B DC 14 ? ? "O5'" B DC 14 ? ? "C5'" B DC 14 ? ? 109.37 120.90 -11.53 1.60 N 
56  1 "O4'" B DC 14 ? ? "C1'" B DC 14 ? ? N1    B DC 14 ? ? 113.38 108.30 5.08   0.30 N 
57  1 N1    B DC 14 ? ? C2    B DC 14 ? ? O2    B DC 14 ? ? 122.87 118.90 3.97   0.60 N 
58  1 "C5'" B DC 15 ? ? "C4'" B DC 15 ? ? "O4'" B DC 15 ? ? 117.19 109.80 7.39   1.10 N 
59  1 "O4'" B DC 15 ? ? "C1'" B DC 15 ? ? N1    B DC 15 ? ? 113.27 108.30 4.97   0.30 N 
60  1 "O5'" B DC 16 ? ? "C5'" B DC 16 ? ? "C4'" B DC 16 ? ? 98.98  109.40 -10.42 0.80 N 
61  1 P     B DC 16 ? ? "O5'" B DC 16 ? ? "C5'" B DC 16 ? ? 111.02 120.90 -9.88  1.60 N 
62  1 "O4'" B DC 16 ? ? "C1'" B DC 16 ? ? "C2'" B DC 16 ? ? 112.19 106.80 5.39   0.50 N 
63  1 "O4'" B DC 16 ? ? "C1'" B DC 16 ? ? N1    B DC 16 ? ? 113.03 108.30 4.73   0.30 N 
64  1 "O5'" B DC 17 ? ? "C5'" B DC 17 ? ? "C4'" B DC 17 ? ? 100.41 109.40 -8.99  0.80 N 
65  1 "O4'" B DC 17 ? ? "C4'" B DC 17 ? ? "C3'" B DC 17 ? ? 98.23  104.50 -6.27  0.40 N 
66  1 "O4'" B DC 17 ? ? "C1'" B DC 17 ? ? N1    B DC 17 ? ? 113.04 108.30 4.74   0.30 N 
67  1 "O5'" B DG 18 ? ? "C5'" B DG 18 ? ? "C4'" B DG 18 ? ? 102.97 109.40 -6.43  0.80 N 
68  1 P     B DG 18 ? ? "O5'" B DG 18 ? ? "C5'" B DG 18 ? ? 131.91 120.90 11.01  1.60 N 
69  1 "C3'" B DG 18 ? ? "C2'" B DG 18 ? ? "C1'" B DG 18 ? ? 96.11  102.40 -6.29  0.80 N 
70  1 "O4'" B DG 18 ? ? "C1'" B DG 18 ? ? N9    B DG 18 ? ? 110.44 108.30 2.14   0.30 N 
71  1 N9    B DG 18 ? ? C4    B DG 18 ? ? C5    B DG 18 ? ? 107.81 105.40 2.41   0.40 N 
72  1 OP1   B DC 19 ? ? P     B DC 19 ? ? OP2   B DC 19 ? ? 110.29 119.60 -9.31  1.50 N 
73  1 "O5'" B DC 19 ? ? P     B DC 19 ? ? OP1   B DC 19 ? ? 119.94 110.70 9.24   1.20 N 
74  1 "O5'" B DC 19 ? ? "C5'" B DC 19 ? ? "C4'" B DC 19 ? ? 126.32 111.00 15.32  2.50 N 
75  1 P     B DC 19 ? ? "O5'" B DC 19 ? ? "C5'" B DC 19 ? ? 141.57 120.90 20.67  1.60 N 
76  1 "O4'" B DC 19 ? ? "C1'" B DC 19 ? ? N1    B DC 19 ? ? 111.93 108.30 3.63   0.30 N 
77  1 N3    B DC 19 ? ? C4    B DC 19 ? ? C5    B DC 19 ? ? 118.07 121.90 -3.83  0.40 N 
78  1 OP1   B DG 20 ? ? P     B DG 20 ? ? OP2   B DG 20 ? ? 108.58 119.60 -11.02 1.50 N 
79  1 P     B DG 20 ? ? "O5'" B DG 20 ? ? "C5'" B DG 20 ? ? 107.43 120.90 -13.47 1.60 N 
80  1 "C5'" B DG 20 ? ? "C4'" B DG 20 ? ? "O4'" B DG 20 ? ? 117.67 109.80 7.87   1.10 N 
81  1 "O4'" B DG 20 ? ? "C1'" B DG 20 ? ? N9    B DG 20 ? ? 115.40 108.30 7.10   0.30 N 
82  1 C5    B DG 20 ? ? C6    B DG 20 ? ? N1    B DG 20 ? ? 115.36 111.50 3.86   0.50 N 
83  1 N3    B DG 20 ? ? C2    B DG 20 ? ? N2    B DG 20 ? ? 114.94 119.90 -4.96  0.70 N 
84  1 P     B DG 21 ? ? "O5'" B DG 21 ? ? "C5'" B DG 21 ? ? 109.78 120.90 -11.12 1.60 N 
85  1 C5    B DG 21 ? ? C6    B DG 21 ? ? O6    B DG 21 ? ? 123.39 128.60 -5.21  0.60 N 
86  1 "C3'" B DG 21 ? ? "O3'" B DG 21 ? ? P     B DG 22 ? ? 129.21 119.70 9.51   1.20 Y 
87  1 "O5'" B DG 22 ? ? "C5'" B DG 22 ? ? "C4'" B DG 22 ? ? 100.96 109.40 -8.44  0.80 N 
88  1 P     B DG 22 ? ? "O5'" B DG 22 ? ? "C5'" B DG 22 ? ? 109.35 120.90 -11.55 1.60 N 
89  1 "C4'" B DG 22 ? ? "C3'" B DG 22 ? ? "C2'" B DG 22 ? ? 97.41  102.20 -4.79  0.70 N 
90  1 "O4'" B DG 22 ? ? "C1'" B DG 22 ? ? N9    B DG 22 ? ? 115.85 108.30 7.55   0.30 N 
91  1 C5    B DG 22 ? ? C6    B DG 22 ? ? O6    B DG 22 ? ? 124.56 128.60 -4.04  0.60 N 
92  1 OP1   B DG 23 ? ? P     B DG 23 ? ? OP2   B DG 23 ? ? 109.82 119.60 -9.78  1.50 N 
93  1 "C5'" B DG 23 ? ? "C4'" B DG 23 ? ? "O4'" B DG 23 ? ? 117.25 109.80 7.45   1.10 N 
94  1 "C3'" B DG 23 ? ? "C2'" B DG 23 ? ? "C1'" B DG 23 ? ? 95.89  102.40 -6.51  0.80 N 
95  1 "O4'" B DG 23 ? ? "C1'" B DG 23 ? ? N9    B DG 23 ? ? 122.55 108.30 14.25  0.30 N 
96  1 C6    B DG 23 ? ? N1    B DG 23 ? ? C2    B DG 23 ? ? 120.27 125.10 -4.83  0.60 N 
97  1 C5    B DG 23 ? ? C6    B DG 23 ? ? N1    B DG 23 ? ? 116.18 111.50 4.68   0.50 N 
98  1 C8    B DG 23 ? ? N9    B DG 23 ? ? C4    B DG 23 ? ? 103.47 106.40 -2.93  0.40 N 
99  1 N3    B DG 23 ? ? C2    B DG 23 ? ? N2    B DG 23 ? ? 114.19 119.90 -5.71  0.70 N 
100 1 "C3'" B DG 23 ? ? "O3'" B DG 23 ? ? P     B DG 24 ? ? 154.98 119.70 35.28  1.20 Y 
101 1 "O5'" B DG 24 ? ? "C5'" B DG 24 ? ? "C4'" B DG 24 ? ? 96.76  109.40 -12.64 0.80 N 
102 1 "O4'" B DG 24 ? ? "C1'" B DG 24 ? ? N9    B DG 24 ? ? 117.78 108.30 9.48   0.30 N 
103 1 N1    B DG 24 ? ? C6    B DG 24 ? ? O6    B DG 24 ? ? 116.29 119.90 -3.61  0.60 N 
# 
loop_
_refine_B_iso.class 
_refine_B_iso.details 
_refine_B_iso.treatment 
_refine_B_iso.pdbx_refine_id 
'ALL ATOMS'  TR isotropic 'X-RAY DIFFRACTION' 
'ALL WATERS' TR isotropic 'X-RAY DIFFRACTION' 
# 
loop_
_refine_occupancy.class 
_refine_occupancy.treatment 
_refine_occupancy.pdbx_refine_id 
'ALL ATOMS'  fix 'X-RAY DIFFRACTION' 
'ALL WATERS' fix 'X-RAY DIFFRACTION' 
# 
loop_
_chem_comp_atom.comp_id 
_chem_comp_atom.atom_id 
_chem_comp_atom.type_symbol 
_chem_comp_atom.pdbx_aromatic_flag 
_chem_comp_atom.pdbx_stereo_config 
_chem_comp_atom.pdbx_ordinal 
DC  OP3    O N N 1   
DC  P      P N N 2   
DC  OP1    O N N 3   
DC  OP2    O N N 4   
DC  "O5'"  O N N 5   
DC  "C5'"  C N N 6   
DC  "C4'"  C N R 7   
DC  "O4'"  O N N 8   
DC  "C3'"  C N S 9   
DC  "O3'"  O N N 10  
DC  "C2'"  C N N 11  
DC  "C1'"  C N R 12  
DC  N1     N N N 13  
DC  C2     C N N 14  
DC  O2     O N N 15  
DC  N3     N N N 16  
DC  C4     C N N 17  
DC  N4     N N N 18  
DC  C5     C N N 19  
DC  C6     C N N 20  
DC  HOP3   H N N 21  
DC  HOP2   H N N 22  
DC  "H5'"  H N N 23  
DC  "H5''" H N N 24  
DC  "H4'"  H N N 25  
DC  "H3'"  H N N 26  
DC  "HO3'" H N N 27  
DC  "H2'"  H N N 28  
DC  "H2''" H N N 29  
DC  "H1'"  H N N 30  
DC  H41    H N N 31  
DC  H42    H N N 32  
DC  H5     H N N 33  
DC  H6     H N N 34  
DG  OP3    O N N 35  
DG  P      P N N 36  
DG  OP1    O N N 37  
DG  OP2    O N N 38  
DG  "O5'"  O N N 39  
DG  "C5'"  C N N 40  
DG  "C4'"  C N R 41  
DG  "O4'"  O N N 42  
DG  "C3'"  C N S 43  
DG  "O3'"  O N N 44  
DG  "C2'"  C N N 45  
DG  "C1'"  C N R 46  
DG  N9     N Y N 47  
DG  C8     C Y N 48  
DG  N7     N Y N 49  
DG  C5     C Y N 50  
DG  C6     C N N 51  
DG  O6     O N N 52  
DG  N1     N N N 53  
DG  C2     C N N 54  
DG  N2     N N N 55  
DG  N3     N N N 56  
DG  C4     C Y N 57  
DG  HOP3   H N N 58  
DG  HOP2   H N N 59  
DG  "H5'"  H N N 60  
DG  "H5''" H N N 61  
DG  "H4'"  H N N 62  
DG  "H3'"  H N N 63  
DG  "HO3'" H N N 64  
DG  "H2'"  H N N 65  
DG  "H2''" H N N 66  
DG  "H1'"  H N N 67  
DG  H8     H N N 68  
DG  H1     H N N 69  
DG  H21    H N N 70  
DG  H22    H N N 71  
HOH O      O N N 72  
HOH H1     H N N 73  
HOH H2     H N N 74  
SPM N1     N N N 75  
SPM C2     C N N 76  
SPM C3     C N N 77  
SPM C4     C N N 78  
SPM N5     N N N 79  
SPM C6     C N N 80  
SPM C7     C N N 81  
SPM C8     C N N 82  
SPM C9     C N N 83  
SPM N10    N N N 84  
SPM C11    C N N 85  
SPM C12    C N N 86  
SPM C13    C N N 87  
SPM N14    N N N 88  
SPM HN11   H N N 89  
SPM HN12   H N N 90  
SPM H21    H N N 91  
SPM H22    H N N 92  
SPM H31    H N N 93  
SPM H32    H N N 94  
SPM H41    H N N 95  
SPM H42    H N N 96  
SPM HN5    H N N 97  
SPM H61    H N N 98  
SPM H62    H N N 99  
SPM H71    H N N 100 
SPM H72    H N N 101 
SPM H81    H N N 102 
SPM H82    H N N 103 
SPM H91    H N N 104 
SPM H92    H N N 105 
SPM HN0    H N N 106 
SPM H111   H N N 107 
SPM H112   H N N 108 
SPM H121   H N N 109 
SPM H122   H N N 110 
SPM H131   H N N 111 
SPM H132   H N N 112 
SPM HN41   H N N 113 
SPM HN42   H N N 114 
# 
loop_
_chem_comp_bond.comp_id 
_chem_comp_bond.atom_id_1 
_chem_comp_bond.atom_id_2 
_chem_comp_bond.value_order 
_chem_comp_bond.pdbx_aromatic_flag 
_chem_comp_bond.pdbx_stereo_config 
_chem_comp_bond.pdbx_ordinal 
DC  OP3   P      sing N N 1   
DC  OP3   HOP3   sing N N 2   
DC  P     OP1    doub N N 3   
DC  P     OP2    sing N N 4   
DC  P     "O5'"  sing N N 5   
DC  OP2   HOP2   sing N N 6   
DC  "O5'" "C5'"  sing N N 7   
DC  "C5'" "C4'"  sing N N 8   
DC  "C5'" "H5'"  sing N N 9   
DC  "C5'" "H5''" sing N N 10  
DC  "C4'" "O4'"  sing N N 11  
DC  "C4'" "C3'"  sing N N 12  
DC  "C4'" "H4'"  sing N N 13  
DC  "O4'" "C1'"  sing N N 14  
DC  "C3'" "O3'"  sing N N 15  
DC  "C3'" "C2'"  sing N N 16  
DC  "C3'" "H3'"  sing N N 17  
DC  "O3'" "HO3'" sing N N 18  
DC  "C2'" "C1'"  sing N N 19  
DC  "C2'" "H2'"  sing N N 20  
DC  "C2'" "H2''" sing N N 21  
DC  "C1'" N1     sing N N 22  
DC  "C1'" "H1'"  sing N N 23  
DC  N1    C2     sing N N 24  
DC  N1    C6     sing N N 25  
DC  C2    O2     doub N N 26  
DC  C2    N3     sing N N 27  
DC  N3    C4     doub N N 28  
DC  C4    N4     sing N N 29  
DC  C4    C5     sing N N 30  
DC  N4    H41    sing N N 31  
DC  N4    H42    sing N N 32  
DC  C5    C6     doub N N 33  
DC  C5    H5     sing N N 34  
DC  C6    H6     sing N N 35  
DG  OP3   P      sing N N 36  
DG  OP3   HOP3   sing N N 37  
DG  P     OP1    doub N N 38  
DG  P     OP2    sing N N 39  
DG  P     "O5'"  sing N N 40  
DG  OP2   HOP2   sing N N 41  
DG  "O5'" "C5'"  sing N N 42  
DG  "C5'" "C4'"  sing N N 43  
DG  "C5'" "H5'"  sing N N 44  
DG  "C5'" "H5''" sing N N 45  
DG  "C4'" "O4'"  sing N N 46  
DG  "C4'" "C3'"  sing N N 47  
DG  "C4'" "H4'"  sing N N 48  
DG  "O4'" "C1'"  sing N N 49  
DG  "C3'" "O3'"  sing N N 50  
DG  "C3'" "C2'"  sing N N 51  
DG  "C3'" "H3'"  sing N N 52  
DG  "O3'" "HO3'" sing N N 53  
DG  "C2'" "C1'"  sing N N 54  
DG  "C2'" "H2'"  sing N N 55  
DG  "C2'" "H2''" sing N N 56  
DG  "C1'" N9     sing N N 57  
DG  "C1'" "H1'"  sing N N 58  
DG  N9    C8     sing Y N 59  
DG  N9    C4     sing Y N 60  
DG  C8    N7     doub Y N 61  
DG  C8    H8     sing N N 62  
DG  N7    C5     sing Y N 63  
DG  C5    C6     sing N N 64  
DG  C5    C4     doub Y N 65  
DG  C6    O6     doub N N 66  
DG  C6    N1     sing N N 67  
DG  N1    C2     sing N N 68  
DG  N1    H1     sing N N 69  
DG  C2    N2     sing N N 70  
DG  C2    N3     doub N N 71  
DG  N2    H21    sing N N 72  
DG  N2    H22    sing N N 73  
DG  N3    C4     sing N N 74  
HOH O     H1     sing N N 75  
HOH O     H2     sing N N 76  
SPM N1    C2     sing N N 77  
SPM N1    HN11   sing N N 78  
SPM N1    HN12   sing N N 79  
SPM C2    C3     sing N N 80  
SPM C2    H21    sing N N 81  
SPM C2    H22    sing N N 82  
SPM C3    C4     sing N N 83  
SPM C3    H31    sing N N 84  
SPM C3    H32    sing N N 85  
SPM C4    N5     sing N N 86  
SPM C4    H41    sing N N 87  
SPM C4    H42    sing N N 88  
SPM N5    C6     sing N N 89  
SPM N5    HN5    sing N N 90  
SPM C6    C7     sing N N 91  
SPM C6    H61    sing N N 92  
SPM C6    H62    sing N N 93  
SPM C7    C8     sing N N 94  
SPM C7    H71    sing N N 95  
SPM C7    H72    sing N N 96  
SPM C8    C9     sing N N 97  
SPM C8    H81    sing N N 98  
SPM C8    H82    sing N N 99  
SPM C9    N10    sing N N 100 
SPM C9    H91    sing N N 101 
SPM C9    H92    sing N N 102 
SPM N10   C11    sing N N 103 
SPM N10   HN0    sing N N 104 
SPM C11   C12    sing N N 105 
SPM C11   H111   sing N N 106 
SPM C11   H112   sing N N 107 
SPM C12   C13    sing N N 108 
SPM C12   H121   sing N N 109 
SPM C12   H122   sing N N 110 
SPM C13   N14    sing N N 111 
SPM C13   H131   sing N N 112 
SPM C13   H132   sing N N 113 
SPM N14   HN41   sing N N 114 
SPM N14   HN42   sing N N 115 
# 
loop_
_ndb_struct_conf_na.entry_id 
_ndb_struct_conf_na.feature 
2D47 'double helix'        
2D47 'a-form double helix' 
# 
loop_
_ndb_struct_na_base_pair.model_number 
_ndb_struct_na_base_pair.i_label_asym_id 
_ndb_struct_na_base_pair.i_label_comp_id 
_ndb_struct_na_base_pair.i_label_seq_id 
_ndb_struct_na_base_pair.i_symmetry 
_ndb_struct_na_base_pair.j_label_asym_id 
_ndb_struct_na_base_pair.j_label_comp_id 
_ndb_struct_na_base_pair.j_label_seq_id 
_ndb_struct_na_base_pair.j_symmetry 
_ndb_struct_na_base_pair.shear 
_ndb_struct_na_base_pair.stretch 
_ndb_struct_na_base_pair.stagger 
_ndb_struct_na_base_pair.buckle 
_ndb_struct_na_base_pair.propeller 
_ndb_struct_na_base_pair.opening 
_ndb_struct_na_base_pair.pair_number 
_ndb_struct_na_base_pair.pair_name 
_ndb_struct_na_base_pair.i_auth_asym_id 
_ndb_struct_na_base_pair.i_auth_seq_id 
_ndb_struct_na_base_pair.i_PDB_ins_code 
_ndb_struct_na_base_pair.j_auth_asym_id 
_ndb_struct_na_base_pair.j_auth_seq_id 
_ndb_struct_na_base_pair.j_PDB_ins_code 
_ndb_struct_na_base_pair.hbond_type_28 
_ndb_struct_na_base_pair.hbond_type_12 
1 A DC 1  1_555 B DG 12 1_555 -1.392 -0.721 -2.115 39.206  22.935  -20.855 1  A_DC1:DG24_B  A 1  ? B 24 ? 19 1 
1 A DC 2  1_555 B DG 11 1_555 0.214  -0.036 -0.789 20.737  -5.922  2.998   2  A_DC2:DG23_B  A 2  ? B 23 ? 19 1 
1 A DC 3  1_555 B DG 10 1_555 0.128  -0.117 -0.430 14.250  -13.792 0.448   3  A_DC3:DG22_B  A 3  ? B 22 ? 19 1 
1 A DC 4  1_555 B DG 9  1_555 0.208  -0.178 -0.516 7.142   -12.024 -0.421  4  A_DC4:DG21_B  A 4  ? B 21 ? 19 1 
1 A DC 5  1_555 B DG 8  1_555 -0.178 -0.171 0.924  -4.516  -8.721  -2.961  5  A_DC5:DG20_B  A 5  ? B 20 ? 19 1 
1 A DG 6  1_555 B DC 7  1_555 0.461  -0.121 -0.463 -4.467  11.753  -1.889  6  A_DG6:DC19_B  A 6  ? B 19 ? 19 1 
1 A DC 7  1_555 B DG 6  1_555 -0.346 -0.168 -0.019 9.799   -21.155 2.025   7  A_DC7:DG18_B  A 7  ? B 18 ? 19 1 
1 A DG 8  1_555 B DC 5  1_555 0.115  -0.312 1.806  29.436  9.031   6.603   8  A_DG8:DC17_B  A 8  ? B 17 ? 19 1 
1 A DG 9  1_555 B DC 4  1_555 -0.099 -0.347 1.065  -5.083  -2.610  -4.577  9  A_DG9:DC16_B  A 9  ? B 16 ? 19 1 
1 A DG 10 1_555 B DC 3  1_555 -0.016 -0.068 1.012  22.245  19.005  2.369   10 A_DG10:DC15_B A 10 ? B 15 ? 19 1 
1 A DG 11 1_555 B DC 2  1_555 0.310  -0.055 0.543  0.156   -7.427  -3.445  11 A_DG11:DC14_B A 11 ? B 14 ? 19 1 
1 A DG 12 1_555 B DC 1  1_555 0.261  -0.115 -0.367 -20.574 10.747  -1.788  12 A_DG12:DC13_B A 12 ? B 13 ? 19 1 
# 
loop_
_ndb_struct_na_base_pair_step.model_number 
_ndb_struct_na_base_pair_step.i_label_asym_id_1 
_ndb_struct_na_base_pair_step.i_label_comp_id_1 
_ndb_struct_na_base_pair_step.i_label_seq_id_1 
_ndb_struct_na_base_pair_step.i_symmetry_1 
_ndb_struct_na_base_pair_step.j_label_asym_id_1 
_ndb_struct_na_base_pair_step.j_label_comp_id_1 
_ndb_struct_na_base_pair_step.j_label_seq_id_1 
_ndb_struct_na_base_pair_step.j_symmetry_1 
_ndb_struct_na_base_pair_step.i_label_asym_id_2 
_ndb_struct_na_base_pair_step.i_label_comp_id_2 
_ndb_struct_na_base_pair_step.i_label_seq_id_2 
_ndb_struct_na_base_pair_step.i_symmetry_2 
_ndb_struct_na_base_pair_step.j_label_asym_id_2 
_ndb_struct_na_base_pair_step.j_label_comp_id_2 
_ndb_struct_na_base_pair_step.j_label_seq_id_2 
_ndb_struct_na_base_pair_step.j_symmetry_2 
_ndb_struct_na_base_pair_step.shift 
_ndb_struct_na_base_pair_step.slide 
_ndb_struct_na_base_pair_step.rise 
_ndb_struct_na_base_pair_step.tilt 
_ndb_struct_na_base_pair_step.roll 
_ndb_struct_na_base_pair_step.twist 
_ndb_struct_na_base_pair_step.x_displacement 
_ndb_struct_na_base_pair_step.y_displacement 
_ndb_struct_na_base_pair_step.helical_rise 
_ndb_struct_na_base_pair_step.inclination 
_ndb_struct_na_base_pair_step.tip 
_ndb_struct_na_base_pair_step.helical_twist 
_ndb_struct_na_base_pair_step.step_number 
_ndb_struct_na_base_pair_step.step_name 
_ndb_struct_na_base_pair_step.i_auth_asym_id_1 
_ndb_struct_na_base_pair_step.i_auth_seq_id_1 
_ndb_struct_na_base_pair_step.i_PDB_ins_code_1 
_ndb_struct_na_base_pair_step.j_auth_asym_id_1 
_ndb_struct_na_base_pair_step.j_auth_seq_id_1 
_ndb_struct_na_base_pair_step.j_PDB_ins_code_1 
_ndb_struct_na_base_pair_step.i_auth_asym_id_2 
_ndb_struct_na_base_pair_step.i_auth_seq_id_2 
_ndb_struct_na_base_pair_step.i_PDB_ins_code_2 
_ndb_struct_na_base_pair_step.j_auth_asym_id_2 
_ndb_struct_na_base_pair_step.j_auth_seq_id_2 
_ndb_struct_na_base_pair_step.j_PDB_ins_code_2 
1 A DC 1  1_555 B DG 12 1_555 A DC 2  1_555 B DG 11 1_555 0.906  -1.587 4.464 -11.582 2.502  45.088 -2.286 -2.434 4.038 3.197   
14.804  46.541 1  AA_DC1DC2:DG23DG24_BB   A 1  ? B 24 ? A 2  ? B 23 ? 
1 A DC 2  1_555 B DG 11 1_555 A DC 3  1_555 B DG 10 1_555 -0.474 -1.698 3.121 -3.691  25.947 25.068 -5.525 0.368  1.032 46.539  
6.620   36.114 2  AA_DC2DC3:DG22DG23_BB   A 2  ? B 23 ? A 3  ? B 22 ? 
1 A DC 3  1_555 B DG 10 1_555 A DC 4  1_555 B DG 9  1_555 -0.333 -1.574 3.922 -2.718  1.126  30.245 -3.274 -0.017 3.877 2.152   
5.194   30.384 3  AA_DC3DC4:DG21DG22_BB   A 3  ? B 22 ? A 4  ? B 21 ? 
1 A DC 4  1_555 B DG 9  1_555 A DC 5  1_555 B DG 8  1_555 -0.790 -1.646 3.499 -12.776 5.418  32.864 -3.544 -0.715 3.270 9.088   
21.430  35.599 4  AA_DC4DC5:DG20DG21_BB   A 4  ? B 21 ? A 5  ? B 20 ? 
1 A DC 5  1_555 B DG 8  1_555 A DG 6  1_555 B DC 7  1_555 0.544  -2.161 3.506 10.489  10.612 30.156 -5.475 0.772  2.657 19.004  
-18.784 33.569 5  AA_DC5DG6:DC19DG20_BB   A 5  ? B 20 ? A 6  ? B 19 ? 
1 A DG 6  1_555 B DC 7  1_555 A DC 7  1_555 B DG 6  1_555 -0.259 -2.545 2.833 -3.464  14.263 19.194 -8.928 -0.069 0.806 36.621  
8.894   24.121 6  AA_DG6DC7:DG18DC19_BB   A 6  ? B 19 ? A 7  ? B 18 ? 
1 A DC 7  1_555 B DG 6  1_555 A DG 8  1_555 B DC 5  1_555 1.547  -1.728 2.567 -14.013 -0.388 39.369 -2.398 -3.225 1.946 -0.555  
20.044  41.697 7  AA_DC7DG8:DC17DG18_BB   A 7  ? B 18 ? A 8  ? B 17 ? 
1 A DG 8  1_555 B DC 5  1_555 A DG 9  1_555 B DC 4  1_555 -0.749 -2.522 4.103 9.269   7.151  27.004 -6.697 3.714  2.943 14.481  
-18.770 29.390 8  AA_DG8DG9:DC16DC17_BB   A 8  ? B 17 ? A 9  ? B 16 ? 
1 A DG 9  1_555 B DC 4  1_555 A DG 10 1_555 B DC 3  1_555 1.160  -2.351 2.086 1.264   -5.622 28.357 -3.816 -2.122 2.543 -11.328 
-2.546  28.925 9  AA_DG9DG10:DC15DC16_BB  A 9  ? B 16 ? A 10 ? B 15 ? 
1 A DG 10 1_555 B DC 3  1_555 A DG 11 1_555 B DC 2  1_555 1.203  -1.398 3.838 12.287  6.381  35.433 -3.128 0.036  3.740 10.024  
-19.304 37.960 10 AA_DG10DG11:DC14DC15_BB A 10 ? B 15 ? A 11 ? B 14 ? 
1 A DG 11 1_555 B DC 2  1_555 A DG 12 1_555 B DC 1  1_555 0.112  -1.775 3.886 11.676  11.928 31.300 -4.866 1.720  2.903 20.394  
-19.964 35.374 11 AA_DG11DG12:DC13DC14_BB A 11 ? B 14 ? A 12 ? B 13 ? 
# 
_atom_sites.entry_id                    2D47 
_atom_sites.fract_transf_matrix[1][1]   0.00098752 
_atom_sites.fract_transf_matrix[1][2]   -0.01245263 
_atom_sites.fract_transf_matrix[1][3]   -0.02228402 
_atom_sites.fract_transf_matrix[2][1]   0.00331933 
_atom_sites.fract_transf_matrix[2][2]   0.01298156 
_atom_sites.fract_transf_matrix[2][3]   -0.02174993 
_atom_sites.fract_transf_matrix[3][1]   0.01524741 
_atom_sites.fract_transf_matrix[3][2]   -0.00142884 
_atom_sites.fract_transf_matrix[3][3]   0.00147415 
_atom_sites.fract_transf_vector[1]      0.023108 
_atom_sites.fract_transf_vector[2]      0.472550 
_atom_sites.fract_transf_vector[3]      0.087731 
# 
loop_
_atom_type.symbol 
C 
N 
O 
P 
# 
loop_
_atom_site.group_PDB 
_atom_site.id 
_atom_site.type_symbol 
_atom_site.label_atom_id 
_atom_site.label_alt_id 
_atom_site.label_comp_id 
_atom_site.label_asym_id 
_atom_site.label_entity_id 
_atom_site.label_seq_id 
_atom_site.pdbx_PDB_ins_code 
_atom_site.Cartn_x 
_atom_site.Cartn_y 
_atom_site.Cartn_z 
_atom_site.occupancy 
_atom_site.B_iso_or_equiv 
_atom_site.pdbx_formal_charge 
_atom_site.auth_seq_id 
_atom_site.auth_comp_id 
_atom_site.auth_asym_id 
_atom_site.auth_atom_id 
_atom_site.pdbx_PDB_model_num 
ATOM   1   O "O5'" . DC  A 1 1  ? -12.097 -1.211  -9.238  1.00 3.91  ? 1   DC  A "O5'" 1 
ATOM   2   C "C5'" . DC  A 1 1  ? -11.588 0.007   -8.635  1.00 2.23  ? 1   DC  A "C5'" 1 
ATOM   3   C "C4'" . DC  A 1 1  ? -10.556 0.697   -9.491  1.00 1.50  ? 1   DC  A "C4'" 1 
ATOM   4   O "O4'" . DC  A 1 1  ? -10.812 2.057   -9.652  1.00 1.50  ? 1   DC  A "O4'" 1 
ATOM   5   C "C3'" . DC  A 1 1  ? -9.131  0.602   -8.912  1.00 1.50  ? 1   DC  A "C3'" 1 
ATOM   6   O "O3'" . DC  A 1 1  ? -8.240  -0.190  -9.745  1.00 1.50  ? 1   DC  A "O3'" 1 
ATOM   7   C "C2'" . DC  A 1 1  ? -8.593  2.029   -8.828  1.00 1.50  ? 1   DC  A "C2'" 1 
ATOM   8   C "C1'" . DC  A 1 1  ? -9.419  2.703   -9.808  1.00 1.50  ? 1   DC  A "C1'" 1 
ATOM   9   N N1    . DC  A 1 1  ? -9.741  4.091   -9.682  1.00 4.40  ? 1   DC  A N1    1 
ATOM   10  C C2    . DC  A 1 1  ? -9.434  4.884   -10.788 1.00 7.98  ? 1   DC  A C2    1 
ATOM   11  O O2    . DC  A 1 1  ? -8.753  4.472   -11.722 1.00 4.26  ? 1   DC  A O2    1 
ATOM   12  N N3    . DC  A 1 1  ? -9.911  6.154   -10.806 1.00 8.95  ? 1   DC  A N3    1 
ATOM   13  C C4    . DC  A 1 1  ? -10.581 6.688   -9.730  1.00 8.65  ? 1   DC  A C4    1 
ATOM   14  N N4    . DC  A 1 1  ? -10.935 7.981   -9.845  1.00 9.57  ? 1   DC  A N4    1 
ATOM   15  C C5    . DC  A 1 1  ? -10.896 5.865   -8.629  1.00 7.03  ? 1   DC  A C5    1 
ATOM   16  C C6    . DC  A 1 1  ? -10.500 4.610   -8.655  1.00 4.70  ? 1   DC  A C6    1 
ATOM   17  P P     . DC  A 1 2  ? -6.787  -0.483  -9.247  1.00 1.50  ? 2   DC  A P     1 
ATOM   18  O OP1   . DC  A 1 2  ? -6.211  -1.736  -9.784  1.00 1.50  ? 2   DC  A OP1   1 
ATOM   19  O OP2   . DC  A 1 2  ? -6.914  -0.479  -7.729  1.00 1.50  ? 2   DC  A OP2   1 
ATOM   20  O "O5'" . DC  A 1 2  ? -5.933  0.783   -9.805  1.00 1.50  ? 2   DC  A "O5'" 1 
ATOM   21  C "C5'" . DC  A 1 2  ? -5.534  0.713   -11.212 1.00 5.21  ? 2   DC  A "C5'" 1 
ATOM   22  C "C4'" . DC  A 1 2  ? -4.536  1.763   -11.641 1.00 1.50  ? 2   DC  A "C4'" 1 
ATOM   23  O "O4'" . DC  A 1 2  ? -5.058  3.010   -12.011 1.00 8.97  ? 2   DC  A "O4'" 1 
ATOM   24  C "C3'" . DC  A 1 2  ? -3.431  2.101   -10.655 1.00 5.45  ? 2   DC  A "C3'" 1 
ATOM   25  O "O3'" . DC  A 1 2  ? -2.316  1.174   -10.883 1.00 3.97  ? 2   DC  A "O3'" 1 
ATOM   26  C "C2'" . DC  A 1 2  ? -3.047  3.522   -10.885 1.00 1.50  ? 2   DC  A "C2'" 1 
ATOM   27  C "C1'" . DC  A 1 2  ? -4.338  4.139   -11.444 1.00 4.09  ? 2   DC  A "C1'" 1 
ATOM   28  N N1    . DC  A 1 2  ? -5.022  4.792   -10.322 1.00 3.17  ? 2   DC  A N1    1 
ATOM   29  C C2    . DC  A 1 2  ? -4.940  6.153   -10.182 1.00 1.50  ? 2   DC  A C2    1 
ATOM   30  O O2    . DC  A 1 2  ? -4.345  6.824   -11.010 1.00 2.56  ? 2   DC  A O2    1 
ATOM   31  N N3    . DC  A 1 2  ? -5.554  6.730   -9.113  1.00 3.96  ? 2   DC  A N3    1 
ATOM   32  C C4    . DC  A 1 2  ? -6.258  5.993   -8.176  1.00 4.56  ? 2   DC  A C4    1 
ATOM   33  N N4    . DC  A 1 2  ? -6.817  6.612   -7.147  1.00 1.50  ? 2   DC  A N4    1 
ATOM   34  C C5    . DC  A 1 2  ? -6.348  4.581   -8.338  1.00 1.85  ? 2   DC  A C5    1 
ATOM   35  C C6    . DC  A 1 2  ? -5.708  4.037   -9.387  1.00 2.33  ? 2   DC  A C6    1 
ATOM   36  P P     . DC  A 1 3  ? -1.497  0.741   -9.530  1.00 9.28  ? 3   DC  A P     1 
ATOM   37  O OP1   . DC  A 1 3  ? -0.675  -0.474  -9.776  1.00 1.50  ? 3   DC  A OP1   1 
ATOM   38  O OP2   . DC  A 1 3  ? -2.633  0.554   -8.607  1.00 2.55  ? 3   DC  A OP2   1 
ATOM   39  O "O5'" . DC  A 1 3  ? -0.600  2.033   -9.280  1.00 1.50  ? 3   DC  A "O5'" 1 
ATOM   40  C "C5'" . DC  A 1 3  ? 0.304   2.383   -10.422 1.00 5.76  ? 3   DC  A "C5'" 1 
ATOM   41  C "C4'" . DC  A 1 3  ? 0.682   3.794   -10.180 1.00 5.94  ? 3   DC  A "C4'" 1 
ATOM   42  O "O4'" . DC  A 1 3  ? -0.489  4.538   -9.975  1.00 4.57  ? 3   DC  A "O4'" 1 
ATOM   43  C "C3'" . DC  A 1 3  ? 1.503   4.049   -8.860  1.00 6.43  ? 3   DC  A "C3'" 1 
ATOM   44  O "O3'" . DC  A 1 3  ? 2.845   3.629   -8.961  1.00 3.76  ? 3   DC  A "O3'" 1 
ATOM   45  C "C2'" . DC  A 1 3  ? 1.251   5.538   -8.680  1.00 2.53  ? 3   DC  A "C2'" 1 
ATOM   46  C "C1'" . DC  A 1 3  ? -0.081  5.779   -9.246  1.00 4.03  ? 3   DC  A "C1'" 1 
ATOM   47  N N1    . DC  A 1 3  ? -1.203  6.051   -8.302  1.00 5.36  ? 3   DC  A N1    1 
ATOM   48  C C2    . DC  A 1 3  ? -1.299  7.328   -7.698  1.00 1.50  ? 3   DC  A C2    1 
ATOM   49  O O2    . DC  A 1 3  ? -0.427  8.142   -7.934  1.00 1.50  ? 3   DC  A O2    1 
ATOM   50  N N3    . DC  A 1 3  ? -2.395  7.531   -6.953  1.00 1.50  ? 3   DC  A N3    1 
ATOM   51  C C4    . DC  A 1 3  ? -3.334  6.539   -6.691  1.00 1.50  ? 3   DC  A C4    1 
ATOM   52  N N4    . DC  A 1 3  ? -4.391  6.796   -5.880  1.00 1.50  ? 3   DC  A N4    1 
ATOM   53  C C5    . DC  A 1 3  ? -3.198  5.299   -7.263  1.00 1.50  ? 3   DC  A C5    1 
ATOM   54  C C6    . DC  A 1 3  ? -2.172  5.109   -8.084  1.00 1.50  ? 3   DC  A C6    1 
ATOM   55  P P     . DC  A 1 4  ? 3.781   3.339   -7.661  1.00 5.12  ? 4   DC  A P     1 
ATOM   56  O OP1   . DC  A 1 4  ? 5.163   2.979   -8.131  1.00 4.48  ? 4   DC  A OP1   1 
ATOM   57  O OP2   . DC  A 1 4  ? 3.045   2.294   -6.908  1.00 5.68  ? 4   DC  A OP2   1 
ATOM   58  O "O5'" . DC  A 1 4  ? 3.807   4.760   -6.902  1.00 6.21  ? 4   DC  A "O5'" 1 
ATOM   59  C "C5'" . DC  A 1 4  ? 4.457   5.830   -7.704  1.00 9.75  ? 4   DC  A "C5'" 1 
ATOM   60  C "C4'" . DC  A 1 4  ? 4.300   7.000   -6.772  1.00 10.80 ? 4   DC  A "C4'" 1 
ATOM   61  O "O4'" . DC  A 1 4  ? 2.904   7.196   -6.602  1.00 9.94  ? 4   DC  A "O4'" 1 
ATOM   62  C "C3'" . DC  A 1 4  ? 4.794   6.717   -5.385  1.00 8.10  ? 4   DC  A "C3'" 1 
ATOM   63  O "O3'" . DC  A 1 4  ? 6.219   6.897   -5.157  1.00 11.25 ? 4   DC  A "O3'" 1 
ATOM   64  C "C2'" . DC  A 1 4  ? 4.076   7.752   -4.537  1.00 8.44  ? 4   DC  A "C2'" 1 
ATOM   65  C "C1'" . DC  A 1 4  ? 2.807   7.829   -5.255  1.00 8.08  ? 4   DC  A "C1'" 1 
ATOM   66  N N1    . DC  A 1 4  ? 1.632   7.258   -4.584  1.00 4.62  ? 4   DC  A N1    1 
ATOM   67  C C2    . DC  A 1 4  ? 0.970   8.134   -3.730  1.00 7.48  ? 4   DC  A C2    1 
ATOM   68  O O2    . DC  A 1 4  ? 1.450   9.273   -3.515  1.00 9.94  ? 4   DC  A O2    1 
ATOM   69  N N3    . DC  A 1 4  ? -0.226  7.730   -3.221  1.00 7.26  ? 4   DC  A N3    1 
ATOM   70  C C4    . DC  A 1 4  ? -0.752  6.510   -3.504  1.00 7.13  ? 4   DC  A C4    1 
ATOM   71  N N4    . DC  A 1 4  ? -1.918  6.148   -2.919  1.00 9.08  ? 4   DC  A N4    1 
ATOM   72  C C5    . DC  A 1 4  ? -0.072  5.640   -4.389  1.00 5.64  ? 4   DC  A C5    1 
ATOM   73  C C6    . DC  A 1 4  ? 1.085   6.060   -4.895  1.00 5.79  ? 4   DC  A C6    1 
ATOM   74  P P     . DC  A 1 5  ? 6.637   6.405   -3.644  1.00 15.41 ? 5   DC  A P     1 
ATOM   75  O OP1   . DC  A 1 5  ? 7.853   5.573   -3.730  1.00 13.31 ? 5   DC  A OP1   1 
ATOM   76  O OP2   . DC  A 1 5  ? 5.399   5.502   -3.324  1.00 7.87  ? 5   DC  A OP2   1 
ATOM   77  O "O5'" . DC  A 1 5  ? 6.607   7.672   -2.787  1.00 9.34  ? 5   DC  A "O5'" 1 
ATOM   78  C "C5'" . DC  A 1 5  ? 7.233   8.808   -2.455  1.00 3.41  ? 5   DC  A "C5'" 1 
ATOM   79  C "C4'" . DC  A 1 5  ? 6.530   9.439   -1.224  1.00 1.60  ? 5   DC  A "C4'" 1 
ATOM   80  O "O4'" . DC  A 1 5  ? 5.130   9.540   -1.432  1.00 1.50  ? 5   DC  A "O4'" 1 
ATOM   81  C "C3'" . DC  A 1 5  ? 6.603   8.732   0.107   1.00 2.99  ? 5   DC  A "C3'" 1 
ATOM   82  O "O3'" . DC  A 1 5  ? 7.888   8.578   0.722   1.00 1.50  ? 5   DC  A "O3'" 1 
ATOM   83  C "C2'" . DC  A 1 5  ? 5.560   9.606   0.892   1.00 1.50  ? 5   DC  A "C2'" 1 
ATOM   84  C "C1'" . DC  A 1 5  ? 4.453   9.740   -0.138  1.00 1.50  ? 5   DC  A "C1'" 1 
ATOM   85  N N1    . DC  A 1 5  ? 3.399   8.712   -0.077  1.00 1.50  ? 5   DC  A N1    1 
ATOM   86  C C2    . DC  A 1 5  ? 2.453   8.746   0.930   1.00 1.50  ? 5   DC  A C2    1 
ATOM   87  O O2    . DC  A 1 5  ? 2.462   9.631   1.763   1.00 5.17  ? 5   DC  A O2    1 
ATOM   88  N N3    . DC  A 1 5  ? 1.511   7.781   0.979   1.00 1.50  ? 5   DC  A N3    1 
ATOM   89  C C4    . DC  A 1 5  ? 1.427   6.786   0.072   1.00 2.64  ? 5   DC  A C4    1 
ATOM   90  N N4    . DC  A 1 5  ? 0.458   5.878   0.196   1.00 1.50  ? 5   DC  A N4    1 
ATOM   91  C C5    . DC  A 1 5  ? 2.360   6.754   -0.994  1.00 4.65  ? 5   DC  A C5    1 
ATOM   92  C C6    . DC  A 1 5  ? 3.331   7.711   -1.020  1.00 2.89  ? 5   DC  A C6    1 
ATOM   93  P P     . DG  A 1 6  ? 8.166   7.351   1.752   1.00 5.20  ? 6   DG  A P     1 
ATOM   94  O OP1   . DG  A 1 6  ? 9.359   7.519   2.599   1.00 1.50  ? 6   DG  A OP1   1 
ATOM   95  O OP2   . DG  A 1 6  ? 8.105   6.132   0.909   1.00 2.69  ? 6   DG  A OP2   1 
ATOM   96  O "O5'" . DG  A 1 6  ? 6.830   7.485   2.735   1.00 1.50  ? 6   DG  A "O5'" 1 
ATOM   97  C "C5'" . DG  A 1 6  ? 6.869   6.531   3.786   1.00 1.50  ? 6   DG  A "C5'" 1 
ATOM   98  C "C4'" . DG  A 1 6  ? 6.132   7.116   4.979   1.00 1.50  ? 6   DG  A "C4'" 1 
ATOM   99  O "O4'" . DG  A 1 6  ? 4.970   7.795   4.692   1.00 1.50  ? 6   DG  A "O4'" 1 
ATOM   100 C "C3'" . DG  A 1 6  ? 5.763   5.882   5.841   1.00 1.50  ? 6   DG  A "C3'" 1 
ATOM   101 O "O3'" . DG  A 1 6  ? 6.849   5.807   6.748   1.00 1.50  ? 6   DG  A "O3'" 1 
ATOM   102 C "C2'" . DG  A 1 6  ? 4.416   6.163   6.401   1.00 1.50  ? 6   DG  A "C2'" 1 
ATOM   103 C "C1'" . DG  A 1 6  ? 3.879   7.080   5.317   1.00 3.13  ? 6   DG  A "C1'" 1 
ATOM   104 N N9    . DG  A 1 6  ? 3.137   6.232   4.366   1.00 1.50  ? 6   DG  A N9    1 
ATOM   105 C C8    . DG  A 1 6  ? 3.459   5.777   3.114   1.00 4.39  ? 6   DG  A C8    1 
ATOM   106 N N7    . DG  A 1 6  ? 2.523   5.006   2.548   1.00 2.90  ? 6   DG  A N7    1 
ATOM   107 C C5    . DG  A 1 6  ? 1.477   5.105   3.482   1.00 2.58  ? 6   DG  A C5    1 
ATOM   108 C C6    . DG  A 1 6  ? 0.198   4.506   3.522   1.00 1.50  ? 6   DG  A C6    1 
ATOM   109 O O6    . DG  A 1 6  ? -0.318  3.868   2.613   1.00 3.29  ? 6   DG  A O6    1 
ATOM   110 N N1    . DG  A 1 6  ? -0.496  4.679   4.692   1.00 1.50  ? 6   DG  A N1    1 
ATOM   111 C C2    . DG  A 1 6  ? -0.025  5.448   5.724   1.00 6.29  ? 6   DG  A C2    1 
ATOM   112 N N2    . DG  A 1 6  ? -0.792  5.609   6.820   1.00 1.91  ? 6   DG  A N2    1 
ATOM   113 N N3    . DG  A 1 6  ? 1.176   5.997   5.775   1.00 2.59  ? 6   DG  A N3    1 
ATOM   114 C C4    . DG  A 1 6  ? 1.894   5.766   4.635   1.00 1.50  ? 6   DG  A C4    1 
ATOM   115 P P     . DC  A 1 7  ? 6.913   4.599   7.762   1.00 4.49  ? 7   DC  A P     1 
ATOM   116 O OP1   . DC  A 1 7  ? 8.056   4.808   8.760   1.00 1.50  ? 7   DC  A OP1   1 
ATOM   117 O OP2   . DC  A 1 7  ? 7.174   3.414   6.901   1.00 1.50  ? 7   DC  A OP2   1 
ATOM   118 O "O5'" . DC  A 1 7  ? 5.516   4.619   8.452   1.00 1.50  ? 7   DC  A "O5'" 1 
ATOM   119 C "C5'" . DC  A 1 7  ? 5.030   5.417   9.447   1.00 1.50  ? 7   DC  A "C5'" 1 
ATOM   120 C "C4'" . DC  A 1 7  ? 3.751   4.707   9.904   1.00 1.50  ? 7   DC  A "C4'" 1 
ATOM   121 O "O4'" . DC  A 1 7  ? 2.780   4.791   8.836   1.00 4.11  ? 7   DC  A "O4'" 1 
ATOM   122 C "C3'" . DC  A 1 7  ? 3.906   3.209   10.170  1.00 1.50  ? 7   DC  A "C3'" 1 
ATOM   123 O "O3'" . DC  A 1 7  ? 4.383   2.973   11.458  1.00 2.89  ? 7   DC  A "O3'" 1 
ATOM   124 C "C2'" . DC  A 1 7  ? 2.432   2.754   9.990   1.00 3.90  ? 7   DC  A "C2'" 1 
ATOM   125 C "C1'" . DC  A 1 7  ? 1.784   3.830   9.122   1.00 3.05  ? 7   DC  A "C1'" 1 
ATOM   126 N N1    . DC  A 1 7  ? 1.372   3.147   7.906   1.00 3.48  ? 7   DC  A N1    1 
ATOM   127 C C2    . DC  A 1 7  ? 0.087   2.608   7.922   1.00 5.33  ? 7   DC  A C2    1 
ATOM   128 O O2    . DC  A 1 7  ? -0.631  2.815   8.901   1.00 1.50  ? 7   DC  A O2    1 
ATOM   129 N N3    . DC  A 1 7  ? -0.325  1.938   6.784   1.00 3.25  ? 7   DC  A N3    1 
ATOM   130 C C4    . DC  A 1 7  ? 0.496   1.711   5.739   1.00 4.59  ? 7   DC  A C4    1 
ATOM   131 N N4    . DC  A 1 7  ? 0.089   1.017   4.651   1.00 3.37  ? 7   DC  A N4    1 
ATOM   132 C C5    . DC  A 1 7  ? 1.822   2.183   5.781   1.00 1.50  ? 7   DC  A C5    1 
ATOM   133 C C6    . DC  A 1 7  ? 2.212   2.871   6.877   1.00 2.87  ? 7   DC  A C6    1 
ATOM   134 P P     . DG  A 1 8  ? 4.893   1.592   12.109  1.00 1.50  ? 8   DG  A P     1 
ATOM   135 O OP1   . DG  A 1 8  ? 5.194   1.785   13.589  1.00 2.76  ? 8   DG  A OP1   1 
ATOM   136 O OP2   . DG  A 1 8  ? 6.145   1.367   11.352  1.00 3.24  ? 8   DG  A OP2   1 
ATOM   137 O "O5'" . DG  A 1 8  ? 3.727   0.550   11.966  1.00 1.50  ? 8   DG  A "O5'" 1 
ATOM   138 C "C5'" . DG  A 1 8  ? 2.544   0.586   12.764  1.00 1.50  ? 8   DG  A "C5'" 1 
ATOM   139 C "C4'" . DG  A 1 8  ? 1.563   -0.462  12.328  1.00 3.53  ? 8   DG  A "C4'" 1 
ATOM   140 O "O4'" . DG  A 1 8  ? 0.740   -0.089  11.234  1.00 1.50  ? 8   DG  A "O4'" 1 
ATOM   141 C "C3'" . DG  A 1 8  ? 2.115   -1.842  11.929  1.00 5.18  ? 8   DG  A "C3'" 1 
ATOM   142 O "O3'" . DG  A 1 8  ? 2.723   -2.572  12.939  1.00 7.01  ? 8   DG  A "O3'" 1 
ATOM   143 C "C2'" . DG  A 1 8  ? 0.778   -2.463  11.396  1.00 1.50  ? 8   DG  A "C2'" 1 
ATOM   144 C "C1'" . DG  A 1 8  ? 0.306   -1.305  10.548  1.00 5.22  ? 8   DG  A "C1'" 1 
ATOM   145 N N9    . DG  A 1 8  ? 0.731   -1.369  9.131   1.00 1.50  ? 8   DG  A N9    1 
ATOM   146 C C8    . DG  A 1 8  ? 1.815   -0.787  8.522   1.00 1.50  ? 8   DG  A C8    1 
ATOM   147 N N7    . DG  A 1 8  ? 1.834   -0.974  7.200   1.00 3.42  ? 8   DG  A N7    1 
ATOM   148 C C5    . DG  A 1 8  ? 0.715   -1.715  6.931   1.00 1.50  ? 8   DG  A C5    1 
ATOM   149 C C6    . DG  A 1 8  ? 0.198   -2.236  5.737   1.00 3.16  ? 8   DG  A C6    1 
ATOM   150 O O6    . DG  A 1 8  ? 0.612   -2.175  4.568   1.00 1.50  ? 8   DG  A O6    1 
ATOM   151 N N1    . DG  A 1 8  ? -0.973  -2.961  5.889   1.00 3.66  ? 8   DG  A N1    1 
ATOM   152 C C2    . DG  A 1 8  ? -1.576  -3.112  7.095   1.00 4.17  ? 8   DG  A C2    1 
ATOM   153 N N2    . DG  A 1 8  ? -2.713  -3.798  7.064   1.00 1.50  ? 8   DG  A N2    1 
ATOM   154 N N3    . DG  A 1 8  ? -1.142  -2.626  8.234   1.00 2.67  ? 8   DG  A N3    1 
ATOM   155 C C4    . DG  A 1 8  ? 0.004   -1.930  8.102   1.00 1.50  ? 8   DG  A C4    1 
ATOM   156 P P     . DG  A 1 9  ? 3.027   -4.138  12.961  1.00 4.49  ? 9   DG  A P     1 
ATOM   157 O OP1   . DG  A 1 9  ? 3.508   -4.534  14.383  1.00 3.28  ? 9   DG  A OP1   1 
ATOM   158 O OP2   . DG  A 1 9  ? 4.239   -4.308  12.069  1.00 8.12  ? 9   DG  A OP2   1 
ATOM   159 O "O5'" . DG  A 1 9  ? 1.742   -4.867  12.512  1.00 9.10  ? 9   DG  A "O5'" 1 
ATOM   160 C "C5'" . DG  A 1 9  ? 0.436   -4.868  13.066  1.00 7.09  ? 9   DG  A "C5'" 1 
ATOM   161 C "C4'" . DG  A 1 9  ? -0.322  -6.062  12.367  1.00 4.38  ? 9   DG  A "C4'" 1 
ATOM   162 O "O4'" . DG  A 1 9  ? -0.928  -5.600  11.144  1.00 4.64  ? 9   DG  A "O4'" 1 
ATOM   163 C "C3'" . DG  A 1 9  ? 0.627   -7.160  11.994  1.00 4.26  ? 9   DG  A "C3'" 1 
ATOM   164 O "O3'" . DG  A 1 9  ? 0.845   -8.227  12.982  1.00 2.12  ? 9   DG  A "O3'" 1 
ATOM   165 C "C2'" . DG  A 1 9  ? 0.077   -7.719  10.695  1.00 4.16  ? 9   DG  A "C2'" 1 
ATOM   166 C "C1'" . DG  A 1 9  ? -0.725  -6.556  10.085  1.00 3.47  ? 9   DG  A "C1'" 1 
ATOM   167 N N9    . DG  A 1 9  ? 0.010   -6.212  8.849   1.00 1.50  ? 9   DG  A N9    1 
ATOM   168 C C8    . DG  A 1 9  ? 1.087   -5.402  8.673   1.00 5.22  ? 9   DG  A C8    1 
ATOM   169 N N7    . DG  A 1 9  ? 1.566   -5.361  7.419   1.00 4.48  ? 9   DG  A N7    1 
ATOM   170 C C5    . DG  A 1 9  ? 0.735   -6.246  6.746   1.00 1.50  ? 9   DG  A C5    1 
ATOM   171 C C6    . DG  A 1 9  ? 0.723   -6.637  5.402   1.00 2.27  ? 9   DG  A C6    1 
ATOM   172 O O6    . DG  A 1 9  ? 1.521   -6.255  4.501   1.00 1.50  ? 9   DG  A O6    1 
ATOM   173 N N1    . DG  A 1 9  ? -0.262  -7.547  5.072   1.00 6.71  ? 9   DG  A N1    1 
ATOM   174 C C2    . DG  A 1 9  ? -1.137  -8.045  6.048   1.00 3.93  ? 9   DG  A C2    1 
ATOM   175 N N2    . DG  A 1 9  ? -2.052  -8.922  5.569   1.00 3.23  ? 9   DG  A N2    1 
ATOM   176 N N3    . DG  A 1 9  ? -1.171  -7.675  7.303   1.00 1.50  ? 9   DG  A N3    1 
ATOM   177 C C4    . DG  A 1 9  ? -0.205  -6.791  7.596   1.00 3.14  ? 9   DG  A C4    1 
ATOM   178 P P     . DG  A 1 10 ? 1.475   -9.604  12.523  1.00 1.50  ? 10  DG  A P     1 
ATOM   179 O OP1   . DG  A 1 10 ? 0.953   -10.772 13.327  1.00 9.95  ? 10  DG  A OP1   1 
ATOM   180 O OP2   . DG  A 1 10 ? 2.922   -9.454  12.553  1.00 6.88  ? 10  DG  A OP2   1 
ATOM   181 O "O5'" . DG  A 1 10 ? 0.865   -9.846  10.998  1.00 7.37  ? 10  DG  A "O5'" 1 
ATOM   182 C "C5'" . DG  A 1 10 ? -0.442  -10.499 10.923  1.00 5.32  ? 10  DG  A "C5'" 1 
ATOM   183 C "C4'" . DG  A 1 10 ? -0.537  -11.313 9.623   1.00 6.43  ? 10  DG  A "C4'" 1 
ATOM   184 O "O4'" . DG  A 1 10 ? -0.557  -10.390 8.493   1.00 8.44  ? 10  DG  A "O4'" 1 
ATOM   185 C "C3'" . DG  A 1 10 ? 0.638   -12.173 9.326   1.00 5.45  ? 10  DG  A "C3'" 1 
ATOM   186 O "O3'" . DG  A 1 10 ? 0.878   -13.410 10.059  1.00 8.26  ? 10  DG  A "O3'" 1 
ATOM   187 C "C2'" . DG  A 1 10 ? 0.541   -12.403 7.804   1.00 3.80  ? 10  DG  A "C2'" 1 
ATOM   188 C "C1'" . DG  A 1 10 ? 0.065   -11.076 7.306   1.00 7.04  ? 10  DG  A "C1'" 1 
ATOM   189 N N9    . DG  A 1 10 ? 1.059   -10.248 6.627   1.00 7.27  ? 10  DG  A N9    1 
ATOM   190 C C8    . DG  A 1 10 ? 1.915   -9.320  7.164   1.00 5.54  ? 10  DG  A C8    1 
ATOM   191 N N7    . DG  A 1 10 ? 2.589   -8.612  6.301   1.00 4.52  ? 10  DG  A N7    1 
ATOM   192 C C5    . DG  A 1 10 ? 2.145   -9.088  5.071   1.00 5.99  ? 10  DG  A C5    1 
ATOM   193 C C6    . DG  A 1 10 ? 2.491   -8.719  3.749   1.00 6.67  ? 10  DG  A C6    1 
ATOM   194 O O6    . DG  A 1 10 ? 3.345   -7.923  3.356   1.00 6.09  ? 10  DG  A O6    1 
ATOM   195 N N1    . DG  A 1 10 ? 1.802   -9.382  2.770   1.00 9.71  ? 10  DG  A N1    1 
ATOM   196 C C2    . DG  A 1 10 ? 0.846   -10.334 3.058   1.00 10.59 ? 10  DG  A C2    1 
ATOM   197 N N2    . DG  A 1 10 ? 0.272   -10.869 1.962   1.00 8.59  ? 10  DG  A N2    1 
ATOM   198 N N3    . DG  A 1 10 ? 0.476   -10.700 4.291   1.00 8.44  ? 10  DG  A N3    1 
ATOM   199 C C4    . DG  A 1 10 ? 1.179   -10.053 5.240   1.00 7.46  ? 10  DG  A C4    1 
ATOM   200 P P     . DG  A 1 11 ? 2.066   -14.367 9.453   1.00 9.52  ? 11  DG  A P     1 
ATOM   201 O OP1   . DG  A 1 11 ? 2.677   -15.288 10.390  1.00 5.61  ? 11  DG  A OP1   1 
ATOM   202 O OP2   . DG  A 1 11 ? 2.977   -13.325 8.848   1.00 1.50  ? 11  DG  A OP2   1 
ATOM   203 O "O5'" . DG  A 1 11 ? 1.299   -15.235 8.275   1.00 7.17  ? 11  DG  A "O5'" 1 
ATOM   204 C "C5'" . DG  A 1 11 ? 2.271   -16.111 7.542   1.00 7.81  ? 11  DG  A "C5'" 1 
ATOM   205 C "C4'" . DG  A 1 11 ? 2.098   -15.989 6.053   1.00 5.45  ? 11  DG  A "C4'" 1 
ATOM   206 O "O4'" . DG  A 1 11 ? 1.772   -14.670 5.691   1.00 8.28  ? 11  DG  A "O4'" 1 
ATOM   207 C "C3'" . DG  A 1 11 ? 3.429   -16.252 5.268   1.00 4.80  ? 11  DG  A "C3'" 1 
ATOM   208 O "O3'" . DG  A 1 11 ? 3.652   -17.613 5.096   1.00 1.50  ? 11  DG  A "O3'" 1 
ATOM   209 C "C2'" . DG  A 1 11 ? 3.107   -15.488 3.991   1.00 7.35  ? 11  DG  A "C2'" 1 
ATOM   210 C "C1'" . DG  A 1 11 ? 2.301   -14.228 4.450   1.00 6.82  ? 11  DG  A "C1'" 1 
ATOM   211 N N9    . DG  A 1 11 ? 3.269   -13.135 4.519   1.00 5.37  ? 11  DG  A N9    1 
ATOM   212 C C8    . DG  A 1 11 ? 3.874   -12.648 5.657   1.00 6.64  ? 11  DG  A C8    1 
ATOM   213 N N7    . DG  A 1 11 ? 4.801   -11.793 5.439   1.00 6.42  ? 11  DG  A N7    1 
ATOM   214 C C5    . DG  A 1 11 ? 4.852   -11.686 4.067   1.00 6.04  ? 11  DG  A C5    1 
ATOM   215 C C6    . DG  A 1 11 ? 5.685   -10.899 3.207   1.00 8.67  ? 11  DG  A C6    1 
ATOM   216 O O6    . DG  A 1 11 ? 6.594   -10.101 3.536   1.00 8.47  ? 11  DG  A O6    1 
ATOM   217 N N1    . DG  A 1 11 ? 5.421   -11.020 1.875   1.00 5.67  ? 11  DG  A N1    1 
ATOM   218 C C2    . DG  A 1 11 ? 4.478   -11.910 1.411   1.00 7.50  ? 11  DG  A C2    1 
ATOM   219 N N2    . DG  A 1 11 ? 4.404   -11.923 0.064   1.00 3.94  ? 11  DG  A N2    1 
ATOM   220 N N3    . DG  A 1 11 ? 3.691   -12.684 2.154   1.00 6.73  ? 11  DG  A N3    1 
ATOM   221 C C4    . DG  A 1 11 ? 3.932   -12.517 3.481   1.00 7.61  ? 11  DG  A C4    1 
ATOM   222 P P     . DG  A 1 12 ? 4.922   -18.475 4.835   1.00 1.50  ? 12  DG  A P     1 
ATOM   223 O OP1   . DG  A 1 12 ? 4.590   -19.976 4.909   1.00 1.50  ? 12  DG  A OP1   1 
ATOM   224 O OP2   . DG  A 1 12 ? 5.884   -18.190 5.951   1.00 1.50  ? 12  DG  A OP2   1 
ATOM   225 O "O5'" . DG  A 1 12 ? 5.464   -18.094 3.398   1.00 1.50  ? 12  DG  A "O5'" 1 
ATOM   226 C "C5'" . DG  A 1 12 ? 5.079   -18.848 2.241   1.00 2.33  ? 12  DG  A "C5'" 1 
ATOM   227 C "C4'" . DG  A 1 12 ? 5.859   -18.239 1.077   1.00 7.21  ? 12  DG  A "C4'" 1 
ATOM   228 O "O4'" . DG  A 1 12 ? 5.393   -16.907 0.734   1.00 6.14  ? 12  DG  A "O4'" 1 
ATOM   229 C "C3'" . DG  A 1 12 ? 7.350   -18.060 1.425   1.00 5.74  ? 12  DG  A "C3'" 1 
ATOM   230 O "O3'" . DG  A 1 12 ? 8.059   -19.302 1.298   1.00 1.50  ? 12  DG  A "O3'" 1 
ATOM   231 C "C2'" . DG  A 1 12 ? 7.755   -16.983 0.456   1.00 5.99  ? 12  DG  A "C2'" 1 
ATOM   232 C "C1'" . DG  A 1 12 ? 6.480   -16.099 0.385   1.00 8.36  ? 12  DG  A "C1'" 1 
ATOM   233 N N9    . DG  A 1 12 ? 6.901   -15.024 1.270   1.00 9.40  ? 12  DG  A N9    1 
ATOM   234 C C8    . DG  A 1 12 ? 6.701   -14.857 2.623   1.00 12.05 ? 12  DG  A C8    1 
ATOM   235 N N7    . DG  A 1 12 ? 7.297   -13.786 3.123   1.00 11.85 ? 12  DG  A N7    1 
ATOM   236 C C5    . DG  A 1 12 ? 8.026   -13.280 2.047   1.00 11.44 ? 12  DG  A C5    1 
ATOM   237 C C6    . DG  A 1 12 ? 8.870   -12.151 1.942   1.00 13.37 ? 12  DG  A C6    1 
ATOM   238 O O6    . DG  A 1 12 ? 9.178   -11.361 2.843   1.00 10.40 ? 12  DG  A O6    1 
ATOM   239 N N1    . DG  A 1 12 ? 9.391   -11.949 0.686   1.00 12.97 ? 12  DG  A N1    1 
ATOM   240 C C2    . DG  A 1 12 ? 9.071   -12.735 -0.366  1.00 13.75 ? 12  DG  A C2    1 
ATOM   241 N N2    . DG  A 1 12 ? 9.635   -12.412 -1.544  1.00 14.28 ? 12  DG  A N2    1 
ATOM   242 N N3    . DG  A 1 12 ? 8.259   -13.802 -0.326  1.00 12.66 ? 12  DG  A N3    1 
ATOM   243 C C4    . DG  A 1 12 ? 7.804   -14.026 0.910   1.00 12.14 ? 12  DG  A C4    1 
ATOM   244 O "O5'" . DC  B 1 1  ? 13.912  -4.678  -3.549  1.00 1.50  ? 13  DC  B "O5'" 1 
ATOM   245 C "C5'" . DC  B 1 1  ? 12.531  -4.133  -3.862  1.00 5.08  ? 13  DC  B "C5'" 1 
ATOM   246 C "C4'" . DC  B 1 1  ? 11.793  -5.466  -4.168  1.00 1.50  ? 13  DC  B "C4'" 1 
ATOM   247 O "O4'" . DC  B 1 1  ? 12.272  -6.311  -3.091  1.00 1.50  ? 13  DC  B "O4'" 1 
ATOM   248 C "C3'" . DC  B 1 1  ? 10.316  -5.502  -4.052  1.00 4.11  ? 13  DC  B "C3'" 1 
ATOM   249 O "O3'" . DC  B 1 1  ? 9.423   -5.321  -5.225  1.00 1.50  ? 13  DC  B "O3'" 1 
ATOM   250 C "C2'" . DC  B 1 1  ? 10.022  -6.902  -3.520  1.00 1.50  ? 13  DC  B "C2'" 1 
ATOM   251 C "C1'" . DC  B 1 1  ? 11.337  -7.348  -2.966  1.00 3.19  ? 13  DC  B "C1'" 1 
ATOM   252 N N1    . DC  B 1 1  ? 11.221  -7.819  -1.559  1.00 1.50  ? 13  DC  B N1    1 
ATOM   253 C C2    . DC  B 1 1  ? 10.789  -9.089  -1.370  1.00 3.43  ? 13  DC  B C2    1 
ATOM   254 O O2    . DC  B 1 1  ? 10.457  -9.800  -2.361  1.00 6.17  ? 13  DC  B O2    1 
ATOM   255 N N3    . DC  B 1 1  ? 10.676  -9.537  -0.093  1.00 3.53  ? 13  DC  B N3    1 
ATOM   256 C C4    . DC  B 1 1  ? 11.056  -8.801  0.966   1.00 4.23  ? 13  DC  B C4    1 
ATOM   257 N N4    . DC  B 1 1  ? 11.035  -9.278  2.210   1.00 3.29  ? 13  DC  B N4    1 
ATOM   258 C C5    . DC  B 1 1  ? 11.546  -7.426  0.749   1.00 1.50  ? 13  DC  B C5    1 
ATOM   259 C C6    . DC  B 1 1  ? 11.581  -7.025  -0.505  1.00 3.85  ? 13  DC  B C6    1 
ATOM   260 P P     . DC  B 1 2  ? 8.101   -4.431  -4.932  1.00 6.72  ? 14  DC  B P     1 
ATOM   261 O OP1   . DC  B 1 2  ? 7.873   -3.372  -5.898  1.00 1.50  ? 14  DC  B OP1   1 
ATOM   262 O OP2   . DC  B 1 2  ? 8.414   -3.916  -3.537  1.00 7.06  ? 14  DC  B OP2   1 
ATOM   263 O "O5'" . DC  B 1 2  ? 6.927   -5.527  -4.910  1.00 4.83  ? 14  DC  B "O5'" 1 
ATOM   264 C "C5'" . DC  B 1 2  ? 6.873   -6.245  -6.271  1.00 1.70  ? 14  DC  B "C5'" 1 
ATOM   265 C "C4'" . DC  B 1 2  ? 6.687   -7.653  -5.788  1.00 1.50  ? 14  DC  B "C4'" 1 
ATOM   266 O "O4'" . DC  B 1 2  ? 7.587   -8.020  -4.799  1.00 3.32  ? 14  DC  B "O4'" 1 
ATOM   267 C "C3'" . DC  B 1 2  ? 5.316   -7.825  -5.125  1.00 2.18  ? 14  DC  B "C3'" 1 
ATOM   268 O "O3'" . DC  B 1 2  ? 4.354   -7.966  -6.166  1.00 1.50  ? 14  DC  B "O3'" 1 
ATOM   269 C "C2'" . DC  B 1 2  ? 5.504   -9.047  -4.262  1.00 1.50  ? 14  DC  B "C2'" 1 
ATOM   270 C "C1'" . DC  B 1 2  ? 7.002   -9.045  -3.946  1.00 2.59  ? 14  DC  B "C1'" 1 
ATOM   271 N N1    . DC  B 1 2  ? 7.164   -8.772  -2.507  1.00 1.50  ? 14  DC  B N1    1 
ATOM   272 C C2    . DC  B 1 2  ? 6.404   -9.557  -1.649  1.00 1.50  ? 14  DC  B C2    1 
ATOM   273 O O2    . DC  B 1 2  ? 5.666   -10.422 -2.038  1.00 1.50  ? 14  DC  B O2    1 
ATOM   274 N N3    . DC  B 1 2  ? 6.493   -9.323  -0.309  1.00 1.50  ? 14  DC  B N3    1 
ATOM   275 C C4    . DC  B 1 2  ? 7.336   -8.350  0.199   1.00 1.50  ? 14  DC  B C4    1 
ATOM   276 N N4    . DC  B 1 2  ? 7.383   -8.244  1.511   1.00 1.50  ? 14  DC  B N4    1 
ATOM   277 C C5    . DC  B 1 2  ? 8.138   -7.555  -0.686  1.00 1.50  ? 14  DC  B C5    1 
ATOM   278 C C6    . DC  B 1 2  ? 7.991   -7.792  -2.027  1.00 1.50  ? 14  DC  B C6    1 
ATOM   279 P P     . DC  B 1 3  ? 3.222   -6.769  -6.323  1.00 8.60  ? 15  DC  B P     1 
ATOM   280 O OP1   . DC  B 1 3  ? 3.133   -6.507  -7.789  1.00 1.50  ? 15  DC  B OP1   1 
ATOM   281 O OP2   . DC  B 1 3  ? 3.858   -5.644  -5.578  1.00 11.18 ? 15  DC  B OP2   1 
ATOM   282 O "O5'" . DC  B 1 3  ? 1.955   -7.403  -5.644  1.00 1.50  ? 15  DC  B "O5'" 1 
ATOM   283 C "C5'" . DC  B 1 3  ? 1.149   -8.390  -6.264  1.00 4.43  ? 15  DC  B "C5'" 1 
ATOM   284 C "C4'" . DC  B 1 3  ? 0.573   -9.409  -5.360  1.00 1.50  ? 15  DC  B "C4'" 1 
ATOM   285 O "O4'" . DC  B 1 3  ? 1.471   -10.218 -4.653  1.00 3.62  ? 15  DC  B "O4'" 1 
ATOM   286 C "C3'" . DC  B 1 3  ? -0.339  -8.766  -4.266  1.00 1.50  ? 15  DC  B "C3'" 1 
ATOM   287 O "O3'" . DC  B 1 3  ? -1.519  -8.363  -4.830  1.00 1.50  ? 15  DC  B "O3'" 1 
ATOM   288 C "C2'" . DC  B 1 3  ? -0.447  -9.949  -3.269  1.00 1.50  ? 15  DC  B "C2'" 1 
ATOM   289 C "C1'" . DC  B 1 3  ? 1.006   -10.378 -3.248  1.00 4.37  ? 15  DC  B "C1'" 1 
ATOM   290 N N1    . DC  B 1 3  ? 1.809   -9.626  -2.285  1.00 5.50  ? 15  DC  B N1    1 
ATOM   291 C C2    . DC  B 1 3  ? 1.289   -9.382  -1.018  1.00 6.97  ? 15  DC  B C2    1 
ATOM   292 O O2    . DC  B 1 3  ? 0.175   -9.848  -0.722  1.00 9.33  ? 15  DC  B O2    1 
ATOM   293 N N3    . DC  B 1 3  ? 2.046   -8.703  -0.108  1.00 2.43  ? 15  DC  B N3    1 
ATOM   294 C C4    . DC  B 1 3  ? 3.291   -8.297  -0.382  1.00 8.68  ? 15  DC  B C4    1 
ATOM   295 N N4    . DC  B 1 3  ? 4.037   -7.653  0.529   1.00 8.94  ? 15  DC  B N4    1 
ATOM   296 C C5    . DC  B 1 3  ? 3.860   -8.530  -1.676  1.00 5.98  ? 15  DC  B C5    1 
ATOM   297 C C6    . DC  B 1 3  ? 3.073   -9.182  -2.572  1.00 7.23  ? 15  DC  B C6    1 
ATOM   298 P P     . DC  B 1 4  ? -2.537  -7.297  -4.193  1.00 1.50  ? 16  DC  B P     1 
ATOM   299 O OP1   . DC  B 1 4  ? -3.709  -7.144  -5.071  1.00 3.22  ? 16  DC  B OP1   1 
ATOM   300 O OP2   . DC  B 1 4  ? -1.733  -6.122  -3.902  1.00 3.94  ? 16  DC  B OP2   1 
ATOM   301 O "O5'" . DC  B 1 4  ? -3.025  -8.099  -2.829  1.00 4.84  ? 16  DC  B "O5'" 1 
ATOM   302 C "C5'" . DC  B 1 4  ? -4.134  -9.040  -3.132  1.00 1.50  ? 16  DC  B "C5'" 1 
ATOM   303 C "C4'" . DC  B 1 4  ? -4.388  -9.553  -1.753  1.00 7.39  ? 16  DC  B "C4'" 1 
ATOM   304 O "O4'" . DC  B 1 4  ? -3.160  -9.973  -1.154  1.00 1.50  ? 16  DC  B "O4'" 1 
ATOM   305 C "C3'" . DC  B 1 4  ? -4.963  -8.402  -0.855  1.00 5.71  ? 16  DC  B "C3'" 1 
ATOM   306 O "O3'" . DC  B 1 4  ? -6.336  -8.292  -1.063  1.00 3.71  ? 16  DC  B "O3'" 1 
ATOM   307 C "C2'" . DC  B 1 4  ? -4.581  -8.914  0.529   1.00 6.78  ? 16  DC  B "C2'" 1 
ATOM   308 C "C1'" . DC  B 1 4  ? -3.227  -9.582  0.181   1.00 4.76  ? 16  DC  B "C1'" 1 
ATOM   309 N N1    . DC  B 1 4  ? -2.168  -8.610  0.556   1.00 4.87  ? 16  DC  B N1    1 
ATOM   310 C C2    . DC  B 1 4  ? -2.089  -8.323  1.920   1.00 4.10  ? 16  DC  B C2    1 
ATOM   311 O O2    . DC  B 1 4  ? -2.916  -8.842  2.721   1.00 3.39  ? 16  DC  B O2    1 
ATOM   312 N N3    . DC  B 1 4  ? -1.134  -7.416  2.286   1.00 4.70  ? 16  DC  B N3    1 
ATOM   313 C C4    . DC  B 1 4  ? -0.275  -6.866  1.393   1.00 4.81  ? 16  DC  B C4    1 
ATOM   314 N N4    . DC  B 1 4  ? 0.697   -6.032  1.777   1.00 3.54  ? 16  DC  B N4    1 
ATOM   315 C C5    . DC  B 1 4  ? -0.392  -7.177  -0.004  1.00 1.50  ? 16  DC  B C5    1 
ATOM   316 C C6    . DC  B 1 4  ? -1.349  -8.021  -0.347  1.00 1.50  ? 16  DC  B C6    1 
ATOM   317 P P     . DC  B 1 5  ? -7.248  -7.046  -0.596  1.00 9.18  ? 17  DC  B P     1 
ATOM   318 O OP1   . DC  B 1 5  ? -8.641  -7.341  -1.068  1.00 1.62  ? 17  DC  B OP1   1 
ATOM   319 O OP2   . DC  B 1 5  ? -6.662  -5.817  -1.204  1.00 1.50  ? 17  DC  B OP2   1 
ATOM   320 O "O5'" . DC  B 1 5  ? -7.079  -7.040  0.978   1.00 1.50  ? 17  DC  B "O5'" 1 
ATOM   321 C "C5'" . DC  B 1 5  ? -7.978  -7.614  1.923   1.00 5.03  ? 17  DC  B "C5'" 1 
ATOM   322 C "C4'" . DC  B 1 5  ? -7.300  -7.212  3.227   1.00 1.50  ? 17  DC  B "C4'" 1 
ATOM   323 O "O4'" . DC  B 1 5  ? -5.873  -7.160  2.916   1.00 6.57  ? 17  DC  B "O4'" 1 
ATOM   324 C "C3'" . DC  B 1 5  ? -7.503  -5.731  3.580   1.00 6.15  ? 17  DC  B "C3'" 1 
ATOM   325 O "O3'" . DC  B 1 5  ? -8.793  -5.390  4.036   1.00 6.56  ? 17  DC  B "O3'" 1 
ATOM   326 C "C2'" . DC  B 1 5  ? -6.379  -5.549  4.614   1.00 3.86  ? 17  DC  B "C2'" 1 
ATOM   327 C "C1'" . DC  B 1 5  ? -5.266  -6.337  3.936   1.00 1.50  ? 17  DC  B "C1'" 1 
ATOM   328 N N1    . DC  B 1 5  ? -4.210  -5.471  3.419   1.00 3.08  ? 17  DC  B N1    1 
ATOM   329 C C2    . DC  B 1 5  ? -3.910  -4.358  4.170   1.00 1.50  ? 17  DC  B C2    1 
ATOM   330 O O2    . DC  B 1 5  ? -4.621  -4.085  5.139   1.00 3.95  ? 17  DC  B O2    1 
ATOM   331 N N3    . DC  B 1 5  ? -2.865  -3.557  3.773   1.00 1.50  ? 17  DC  B N3    1 
ATOM   332 C C4    . DC  B 1 5  ? -2.135  -3.845  2.670   1.00 1.50  ? 17  DC  B C4    1 
ATOM   333 N N4    . DC  B 1 5  ? -1.180  -2.962  2.331   1.00 4.14  ? 17  DC  B N4    1 
ATOM   334 C C5    . DC  B 1 5  ? -2.430  -4.977  1.903   1.00 1.50  ? 17  DC  B C5    1 
ATOM   335 C C6    . DC  B 1 5  ? -3.428  -5.767  2.313   1.00 1.50  ? 17  DC  B C6    1 
ATOM   336 P P     . DG  B 1 6  ? -9.249  -3.827  4.013   1.00 18.03 ? 18  DG  B P     1 
ATOM   337 O OP1   . DG  B 1 6  ? -10.584 -3.729  3.339   1.00 1.50  ? 18  DG  B OP1   1 
ATOM   338 O OP2   . DG  B 1 6  ? -8.112  -3.236  3.146   1.00 10.60 ? 18  DG  B OP2   1 
ATOM   339 O "O5'" . DG  B 1 6  ? -9.197  -3.312  5.464   1.00 6.26  ? 18  DG  B "O5'" 1 
ATOM   340 C "C5'" . DG  B 1 6  ? -9.510  -3.925  6.691   1.00 6.27  ? 18  DG  B "C5'" 1 
ATOM   341 C "C4'" . DG  B 1 6  ? -8.972  -2.897  7.746   1.00 2.01  ? 18  DG  B "C4'" 1 
ATOM   342 O "O4'" . DG  B 1 6  ? -7.579  -3.126  7.767   1.00 1.50  ? 18  DG  B "O4'" 1 
ATOM   343 C "C3'" . DG  B 1 6  ? -9.054  -1.445  7.367   1.00 4.65  ? 18  DG  B "C3'" 1 
ATOM   344 O "O3'" . DG  B 1 6  ? -10.246 -0.693  7.473   1.00 7.97  ? 18  DG  B "O3'" 1 
ATOM   345 C "C2'" . DG  B 1 6  ? -7.907  -0.814  8.250   1.00 1.50  ? 18  DG  B "C2'" 1 
ATOM   346 C "C1'" . DG  B 1 6  ? -6.880  -1.893  7.974   1.00 1.50  ? 18  DG  B "C1'" 1 
ATOM   347 N N9    . DG  B 1 6  ? -6.078  -1.557  6.798   1.00 3.55  ? 18  DG  B N9    1 
ATOM   348 C C8    . DG  B 1 6  ? -6.294  -1.831  5.443   1.00 5.36  ? 18  DG  B C8    1 
ATOM   349 N N7    . DG  B 1 6  ? -5.388  -1.297  4.659   1.00 4.69  ? 18  DG  B N7    1 
ATOM   350 C C5    . DG  B 1 6  ? -4.477  -0.682  5.533   1.00 4.46  ? 18  DG  B C5    1 
ATOM   351 C C6    . DG  B 1 6  ? -3.269  0.022   5.319   1.00 3.68  ? 18  DG  B C6    1 
ATOM   352 O O6    . DG  B 1 6  ? -2.657  0.242   4.289   1.00 3.98  ? 18  DG  B O6    1 
ATOM   353 N N1    . DG  B 1 6  ? -2.752  0.548   6.456   1.00 6.39  ? 18  DG  B N1    1 
ATOM   354 C C2    . DG  B 1 6  ? -3.262  0.368   7.692   1.00 5.92  ? 18  DG  B C2    1 
ATOM   355 N N2    . DG  B 1 6  ? -2.672  0.944   8.733   1.00 5.49  ? 18  DG  B N2    1 
ATOM   356 N N3    . DG  B 1 6  ? -4.347  -0.328  7.921   1.00 5.24  ? 18  DG  B N3    1 
ATOM   357 C C4    . DG  B 1 6  ? -4.923  -0.818  6.827   1.00 3.92  ? 18  DG  B C4    1 
ATOM   358 P P     . DC  B 1 7  ? -10.435 0.554   6.350   1.00 6.71  ? 19  DC  B P     1 
ATOM   359 O OP1   . DC  B 1 7  ? -11.880 0.792   6.198   1.00 1.50  ? 19  DC  B OP1   1 
ATOM   360 O OP2   . DC  B 1 7  ? -9.890  -0.205  5.133   1.00 18.95 ? 19  DC  B OP2   1 
ATOM   361 O "O5'" . DC  B 1 7  ? -9.518  1.683   6.860   1.00 8.65  ? 19  DC  B "O5'" 1 
ATOM   362 C "C5'" . DC  B 1 7  ? -9.531  2.764   7.628   1.00 8.52  ? 19  DC  B "C5'" 1 
ATOM   363 C "C4'" . DC  B 1 7  ? -8.443  3.783   7.739   1.00 10.16 ? 19  DC  B "C4'" 1 
ATOM   364 O "O4'" . DC  B 1 7  ? -7.107  3.207   7.954   1.00 10.28 ? 19  DC  B "O4'" 1 
ATOM   365 C "C3'" . DC  B 1 7  ? -8.193  4.856   6.657   1.00 8.45  ? 19  DC  B "C3'" 1 
ATOM   366 O "O3'" . DC  B 1 7  ? -9.147  5.916   6.570   1.00 3.54  ? 19  DC  B "O3'" 1 
ATOM   367 C "C2'" . DC  B 1 7  ? -6.805  5.411   7.104   1.00 7.71  ? 19  DC  B "C2'" 1 
ATOM   368 C "C1'" . DC  B 1 7  ? -6.093  4.152   7.593   1.00 8.29  ? 19  DC  B "C1'" 1 
ATOM   369 N N1    . DC  B 1 7  ? -5.238  3.653   6.487   1.00 9.74  ? 19  DC  B N1    1 
ATOM   370 C C2    . DC  B 1 7  ? -3.930  4.139   6.448   1.00 8.84  ? 19  DC  B C2    1 
ATOM   371 O O2    . DC  B 1 7  ? -3.517  4.954   7.241   1.00 7.39  ? 19  DC  B O2    1 
ATOM   372 N N3    . DC  B 1 7  ? -3.119  3.708   5.450   1.00 7.69  ? 19  DC  B N3    1 
ATOM   373 C C4    . DC  B 1 7  ? -3.523  2.783   4.509   1.00 7.47  ? 19  DC  B C4    1 
ATOM   374 N N4    . DC  B 1 7  ? -2.651  2.439   3.578   1.00 1.64  ? 19  DC  B N4    1 
ATOM   375 C C5    . DC  B 1 7  ? -4.852  2.301   4.576   1.00 9.75  ? 19  DC  B C5    1 
ATOM   376 C C6    . DC  B 1 7  ? -5.654  2.739   5.560   1.00 8.80  ? 19  DC  B C6    1 
ATOM   377 P P     . DG  B 1 8  ? -8.826  7.419   6.265   1.00 9.61  ? 20  DG  B P     1 
ATOM   378 O OP1   . DG  B 1 8  ? -10.007 8.330   6.417   1.00 9.25  ? 20  DG  B OP1   1 
ATOM   379 O OP2   . DG  B 1 8  ? -8.343  7.480   4.803   1.00 11.65 ? 20  DG  B OP2   1 
ATOM   380 O "O5'" . DG  B 1 8  ? -7.608  7.921   7.188   1.00 1.50  ? 20  DG  B "O5'" 1 
ATOM   381 C "C5'" . DG  B 1 8  ? -7.475  9.422   6.987   1.00 4.63  ? 20  DG  B "C5'" 1 
ATOM   382 C "C4'" . DG  B 1 8  ? -6.110  9.872   7.142   1.00 2.85  ? 20  DG  B "C4'" 1 
ATOM   383 O "O4'" . DG  B 1 8  ? -5.112  8.893   7.275   1.00 2.76  ? 20  DG  B "O4'" 1 
ATOM   384 C "C3'" . DG  B 1 8  ? -5.711  10.765  5.924   1.00 4.81  ? 20  DG  B "C3'" 1 
ATOM   385 O "O3'" . DG  B 1 8  ? -6.226  12.093  6.160   1.00 1.50  ? 20  DG  B "O3'" 1 
ATOM   386 C "C2'" . DG  B 1 8  ? -4.235  10.614  5.917   1.00 4.53  ? 20  DG  B "C2'" 1 
ATOM   387 C "C1'" . DG  B 1 8  ? -4.016  9.187   6.460   1.00 4.40  ? 20  DG  B "C1'" 1 
ATOM   388 N N9    . DG  B 1 8  ? -3.858  8.324   5.279   1.00 1.50  ? 20  DG  B N9    1 
ATOM   389 C C8    . DG  B 1 8  ? -4.689  7.378   4.761   1.00 6.34  ? 20  DG  B C8    1 
ATOM   390 N N7    . DG  B 1 8  ? -4.252  6.834   3.631   1.00 4.29  ? 20  DG  B N7    1 
ATOM   391 C C5    . DG  B 1 8  ? -3.028  7.470   3.410   1.00 3.76  ? 20  DG  B C5    1 
ATOM   392 C C6    . DG  B 1 8  ? -2.045  7.334   2.399   1.00 5.24  ? 20  DG  B C6    1 
ATOM   393 O O6    . DG  B 1 8  ? -2.067  6.512   1.422   1.00 1.94  ? 20  DG  B O6    1 
ATOM   394 N N1    . DG  B 1 8  ? -1.002  8.200   2.482   1.00 4.56  ? 20  DG  B N1    1 
ATOM   395 C C2    . DG  B 1 8  ? -0.882  9.072   3.517   1.00 5.71  ? 20  DG  B C2    1 
ATOM   396 N N2    . DG  B 1 8  ? 0.194   9.892   3.560   1.00 6.74  ? 20  DG  B N2    1 
ATOM   397 N N3    . DG  B 1 8  ? -1.744  9.228   4.513   1.00 6.53  ? 20  DG  B N3    1 
ATOM   398 C C4    . DG  B 1 8  ? -2.797  8.387   4.407   1.00 4.26  ? 20  DG  B C4    1 
ATOM   399 P P     . DG  B 1 9  ? -7.387  12.714  5.269   1.00 1.50  ? 21  DG  B P     1 
ATOM   400 O OP1   . DG  B 1 9  ? -7.965  13.978  5.833   1.00 1.50  ? 21  DG  B OP1   1 
ATOM   401 O OP2   . DG  B 1 9  ? -8.360  11.712  5.008   1.00 1.50  ? 21  DG  B OP2   1 
ATOM   402 O "O5'" . DG  B 1 9  ? -6.462  13.156  3.936   1.00 4.22  ? 21  DG  B "O5'" 1 
ATOM   403 C "C5'" . DG  B 1 9  ? -5.438  14.155  4.343   1.00 1.50  ? 21  DG  B "C5'" 1 
ATOM   404 C "C4'" . DG  B 1 9  ? -4.212  14.050  3.581   1.00 1.50  ? 21  DG  B "C4'" 1 
ATOM   405 O "O4'" . DG  B 1 9  ? -3.570  12.765  3.757   1.00 1.50  ? 21  DG  B "O4'" 1 
ATOM   406 C "C3'" . DG  B 1 9  ? -4.269  14.218  2.017   1.00 1.50  ? 21  DG  B "C3'" 1 
ATOM   407 O "O3'" . DG  B 1 9  ? -4.673  15.495  1.604   1.00 1.50  ? 21  DG  B "O3'" 1 
ATOM   408 C "C2'" . DG  B 1 9  ? -2.858  13.758  1.700   1.00 1.50  ? 21  DG  B "C2'" 1 
ATOM   409 C "C1'" . DG  B 1 9  ? -2.553  12.611  2.722   1.00 1.50  ? 21  DG  B "C1'" 1 
ATOM   410 N N9    . DG  B 1 9  ? -2.809  11.357  1.980   1.00 1.50  ? 21  DG  B N9    1 
ATOM   411 C C8    . DG  B 1 9  ? -4.013  10.666  2.106   1.00 1.50  ? 21  DG  B C8    1 
ATOM   412 N N7    . DG  B 1 9  ? -4.151  9.670   1.278   1.00 2.84  ? 21  DG  B N7    1 
ATOM   413 C C5    . DG  B 1 9  ? -2.912  9.705   0.573   1.00 1.50  ? 21  DG  B C5    1 
ATOM   414 C C6    . DG  B 1 9  ? -2.433  8.857   -0.457  1.00 1.50  ? 21  DG  B C6    1 
ATOM   415 O O6    . DG  B 1 9  ? -3.100  7.902   -0.935  1.00 1.53  ? 21  DG  B O6    1 
ATOM   416 N N1    . DG  B 1 9  ? -1.205  9.186   -0.900  1.00 1.50  ? 21  DG  B N1    1 
ATOM   417 C C2    . DG  B 1 9  ? -0.488  10.234  -0.382  1.00 2.96  ? 21  DG  B C2    1 
ATOM   418 N N2    . DG  B 1 9  ? 0.723   10.406  -0.931  1.00 1.50  ? 21  DG  B N2    1 
ATOM   419 N N3    . DG  B 1 9  ? -0.876  11.027  0.602   1.00 1.50  ? 21  DG  B N3    1 
ATOM   420 C C4    . DG  B 1 9  ? -2.108  10.711  1.025   1.00 1.50  ? 21  DG  B C4    1 
ATOM   421 P P     . DG  B 1 10 ? -5.110  15.993  0.158   1.00 5.02  ? 22  DG  B P     1 
ATOM   422 O OP1   . DG  B 1 10 ? -5.180  17.518  0.119   1.00 8.76  ? 22  DG  B OP1   1 
ATOM   423 O OP2   . DG  B 1 10 ? -6.356  15.377  -0.239  1.00 1.50  ? 22  DG  B OP2   1 
ATOM   424 O "O5'" . DG  B 1 10 ? -3.851  15.560  -0.801  1.00 6.31  ? 22  DG  B "O5'" 1 
ATOM   425 C "C5'" . DG  B 1 10 ? -2.623  16.423  -0.453  1.00 12.84 ? 22  DG  B "C5'" 1 
ATOM   426 C "C4'" . DG  B 1 10 ? -1.645  15.970  -1.507  1.00 12.18 ? 22  DG  B "C4'" 1 
ATOM   427 O "O4'" . DG  B 1 10 ? -1.230  14.644  -1.178  1.00 9.70  ? 22  DG  B "O4'" 1 
ATOM   428 C "C3'" . DG  B 1 10 ? -2.304  15.888  -2.913  1.00 11.60 ? 22  DG  B "C3'" 1 
ATOM   429 O "O3'" . DG  B 1 10 ? -2.490  17.186  -3.471  1.00 12.61 ? 22  DG  B "O3'" 1 
ATOM   430 C "C2'" . DG  B 1 10 ? -1.320  14.910  -3.534  1.00 9.85  ? 22  DG  B "C2'" 1 
ATOM   431 C "C1'" . DG  B 1 10 ? -1.088  13.897  -2.360  1.00 8.59  ? 22  DG  B "C1'" 1 
ATOM   432 N N9    . DG  B 1 10 ? -2.090  12.849  -2.578  1.00 7.59  ? 22  DG  B N9    1 
ATOM   433 C C8    . DG  B 1 10 ? -3.371  12.779  -2.084  1.00 7.56  ? 22  DG  B C8    1 
ATOM   434 N N7    . DG  B 1 10 ? -4.090  11.805  -2.573  1.00 7.16  ? 22  DG  B N7    1 
ATOM   435 C C5    . DG  B 1 10 ? -3.226  11.196  -3.491  1.00 7.75  ? 22  DG  B C5    1 
ATOM   436 C C6    . DG  B 1 10 ? -3.399  10.077  -4.346  1.00 7.98  ? 22  DG  B C6    1 
ATOM   437 O O6    . DG  B 1 10 ? -4.468  9.378   -4.420  1.00 4.07  ? 22  DG  B O6    1 
ATOM   438 N N1    . DG  B 1 10 ? -2.278  9.782   -5.100  1.00 6.70  ? 22  DG  B N1    1 
ATOM   439 C C2    . DG  B 1 10 ? -1.161  10.524  -5.083  1.00 4.76  ? 22  DG  B C2    1 
ATOM   440 N N2    . DG  B 1 10 ? -0.150  10.141  -5.875  1.00 1.50  ? 22  DG  B N2    1 
ATOM   441 N N3    . DG  B 1 10 ? -0.926  11.579  -4.312  1.00 6.08  ? 22  DG  B N3    1 
ATOM   442 C C4    . DG  B 1 10 ? -2.010  11.839  -3.510  1.00 7.24  ? 22  DG  B C4    1 
ATOM   443 P P     . DG  B 1 11 ? -3.401  17.548  -4.746  1.00 9.51  ? 23  DG  B P     1 
ATOM   444 O OP1   . DG  B 1 11 ? -3.666  19.029  -4.836  1.00 12.72 ? 23  DG  B OP1   1 
ATOM   445 O OP2   . DG  B 1 11 ? -4.668  16.824  -4.618  1.00 1.50  ? 23  DG  B OP2   1 
ATOM   446 O "O5'" . DG  B 1 11 ? -2.454  17.126  -5.999  1.00 10.37 ? 23  DG  B "O5'" 1 
ATOM   447 C "C5'" . DG  B 1 11 ? -3.068  16.910  -7.256  1.00 5.32  ? 23  DG  B "C5'" 1 
ATOM   448 C "C4'" . DG  B 1 11 ? -2.365  15.983  -8.165  1.00 4.65  ? 23  DG  B "C4'" 1 
ATOM   449 O "O4'" . DG  B 1 11 ? -1.536  15.058  -7.597  1.00 2.11  ? 23  DG  B "O4'" 1 
ATOM   450 C "C3'" . DG  B 1 11 ? -3.439  15.125  -9.012  1.00 5.28  ? 23  DG  B "C3'" 1 
ATOM   451 O "O3'" . DG  B 1 11 ? -3.981  15.832  -9.970  1.00 7.00  ? 23  DG  B "O3'" 1 
ATOM   452 C "C2'" . DG  B 1 11 ? -2.546  13.935  -9.425  1.00 4.71  ? 23  DG  B "C2'" 1 
ATOM   453 C "C1'" . DG  B 1 11 ? -1.883  13.730  -8.006  1.00 5.44  ? 23  DG  B "C1'" 1 
ATOM   454 N N9    . DG  B 1 11 ? -2.874  12.917  -7.292  1.00 3.30  ? 23  DG  B N9    1 
ATOM   455 C C8    . DG  B 1 11 ? -3.622  13.092  -6.171  1.00 5.85  ? 23  DG  B C8    1 
ATOM   456 N N7    . DG  B 1 11 ? -4.447  12.120  -5.897  1.00 1.50  ? 23  DG  B N7    1 
ATOM   457 C C5    . DG  B 1 11 ? -4.302  11.220  -6.922  1.00 1.50  ? 23  DG  B C5    1 
ATOM   458 C C6    . DG  B 1 11 ? -4.881  9.957   -7.180  1.00 2.37  ? 23  DG  B C6    1 
ATOM   459 O O6    . DG  B 1 11 ? -5.738  9.373   -6.473  1.00 5.72  ? 23  DG  B O6    1 
ATOM   460 N N1    . DG  B 1 11 ? -4.463  9.319   -8.330  1.00 1.50  ? 23  DG  B N1    1 
ATOM   461 C C2    . DG  B 1 11 ? -3.537  9.895   -9.132  1.00 3.57  ? 23  DG  B C2    1 
ATOM   462 N N2    . DG  B 1 11 ? -3.139  9.260   -10.200 1.00 1.50  ? 23  DG  B N2    1 
ATOM   463 N N3    . DG  B 1 11 ? -2.930  11.113  -8.942  1.00 1.50  ? 23  DG  B N3    1 
ATOM   464 C C4    . DG  B 1 11 ? -3.345  11.682  -7.816  1.00 5.37  ? 23  DG  B C4    1 
ATOM   465 P P     . DG  B 1 12 ? -4.342  16.155  -11.422 1.00 3.43  ? 24  DG  B P     1 
ATOM   466 O OP1   . DG  B 1 12 ? -3.247  17.023  -12.070 1.00 1.50  ? 24  DG  B OP1   1 
ATOM   467 O OP2   . DG  B 1 12 ? -5.667  16.784  -11.433 1.00 1.50  ? 24  DG  B OP2   1 
ATOM   468 O "O5'" . DG  B 1 12 ? -4.332  14.736  -12.222 1.00 1.50  ? 24  DG  B "O5'" 1 
ATOM   469 C "C5'" . DG  B 1 12 ? -3.146  14.487  -13.067 1.00 1.50  ? 24  DG  B "C5'" 1 
ATOM   470 C "C4'" . DG  B 1 12 ? -3.657  13.187  -13.718 1.00 1.50  ? 24  DG  B "C4'" 1 
ATOM   471 O "O4'" . DG  B 1 12 ? -3.558  12.148  -12.779 1.00 5.14  ? 24  DG  B "O4'" 1 
ATOM   472 C "C3'" . DG  B 1 12 ? -5.189  13.421  -13.863 1.00 1.50  ? 24  DG  B "C3'" 1 
ATOM   473 O "O3'" . DG  B 1 12 ? -5.489  14.247  -14.980 1.00 1.50  ? 24  DG  B "O3'" 1 
ATOM   474 C "C2'" . DG  B 1 12 ? -5.671  12.019  -13.896 1.00 6.44  ? 24  DG  B "C2'" 1 
ATOM   475 C "C1'" . DG  B 1 12 ? -4.753  11.320  -12.872 1.00 5.79  ? 24  DG  B "C1'" 1 
ATOM   476 N N9    . DG  B 1 12 ? -5.574  11.161  -11.661 1.00 7.69  ? 24  DG  B N9    1 
ATOM   477 C C8    . DG  B 1 12 ? -5.729  11.974  -10.553 1.00 8.39  ? 24  DG  B C8    1 
ATOM   478 N N7    . DG  B 1 12 ? -6.549  11.483  -9.619  1.00 5.70  ? 24  DG  B N7    1 
ATOM   479 C C5    . DG  B 1 12 ? -6.986  10.289  -10.192 1.00 7.51  ? 24  DG  B C5    1 
ATOM   480 C C6    . DG  B 1 12 ? -7.906  9.314   -9.746  1.00 7.08  ? 24  DG  B C6    1 
ATOM   481 O O6    . DG  B 1 12 ? -8.540  9.240   -8.687  1.00 6.83  ? 24  DG  B O6    1 
ATOM   482 N N1    . DG  B 1 12 ? -8.046  8.267   -10.608 1.00 7.57  ? 24  DG  B N1    1 
ATOM   483 C C2    . DG  B 1 12 ? -7.413  8.144   -11.785 1.00 5.02  ? 24  DG  B C2    1 
ATOM   484 N N2    . DG  B 1 12 ? -7.704  7.034   -12.497 1.00 9.34  ? 24  DG  B N2    1 
ATOM   485 N N3    . DG  B 1 12 ? -6.552  9.010   -12.249 1.00 6.11  ? 24  DG  B N3    1 
ATOM   486 C C4    . DG  B 1 12 ? -6.382  10.066  -11.422 1.00 6.92  ? 24  DG  B C4    1 
HETATM 487 N N1    . SPM C 2 .  ? 3.959   -2.530  -5.096  1.00 22.13 ? 25  SPM A N1    1 
HETATM 488 C C2    . SPM C 2 .  ? 2.695   -1.873  -4.483  1.00 17.56 ? 25  SPM A C2    1 
HETATM 489 C C3    . SPM C 2 .  ? 2.362   -0.519  -5.147  1.00 20.62 ? 25  SPM A C3    1 
HETATM 490 C C4    . SPM C 2 .  ? 1.207   0.186   -4.309  1.00 16.66 ? 25  SPM A C4    1 
HETATM 491 N N5    . SPM C 2 .  ? 0.777   1.478   -4.996  1.00 10.20 ? 25  SPM A N5    1 
HETATM 492 C C6    . SPM C 2 .  ? 0.658   2.620   -3.947  1.00 10.86 ? 25  SPM A C6    1 
HETATM 493 C C7    . SPM C 2 .  ? 0.370   2.046   -2.545  1.00 5.10  ? 25  SPM A C7    1 
HETATM 494 C C8    . SPM C 2 .  ? 0.831   3.007   -1.423  1.00 8.78  ? 25  SPM A C8    1 
HETATM 495 C C9    . SPM C 2 .  ? 2.326   2.926   -1.096  1.00 1.50  ? 25  SPM A C9    1 
HETATM 496 N N10   . SPM C 2 .  ? 2.505   2.586   0.457   1.00 5.68  ? 25  SPM A N10   1 
HETATM 497 C C11   . SPM C 2 .  ? 2.939   1.049   0.438   1.00 4.58  ? 25  SPM A C11   1 
HETATM 498 C C12   . SPM C 2 .  ? 1.913   0.191   1.203   1.00 2.49  ? 25  SPM A C12   1 
HETATM 499 C C13   . SPM C 2 .  ? 0.495   0.706   1.171   1.00 2.79  ? 25  SPM A C13   1 
HETATM 500 N N14   . SPM C 2 .  ? -0.433  0.128   2.270   1.00 2.27  ? 25  SPM A N14   1 
HETATM 501 O O     . HOH D 3 .  ? 7.806   7.735   -10.087 1.00 2.09  ? 26  HOH A O     1 
HETATM 502 O O     . HOH D 3 .  ? 6.715   11.293  -3.045  1.00 1.50  ? 27  HOH A O     1 
HETATM 503 O O     . HOH D 3 .  ? 1.664   -1.569  15.509  1.00 1.50  ? 28  HOH A O     1 
HETATM 504 O O     . HOH D 3 .  ? -12.403 0.397   -6.214  1.00 1.50  ? 30  HOH A O     1 
HETATM 505 O O     . HOH D 3 .  ? -11.512 -5.331  -7.677  1.00 17.82 ? 34  HOH A O     1 
HETATM 506 O O     . HOH D 3 .  ? 2.096   -18.172 3.490   1.00 1.50  ? 36  HOH A O     1 
HETATM 507 O O     . HOH D 3 .  ? -7.753  4.131   -4.016  1.00 1.50  ? 37  HOH A O     1 
HETATM 508 O O     . HOH D 3 .  ? -3.171  -19.439 1.038   1.00 1.50  ? 38  HOH A O     1 
HETATM 509 O O     . HOH D 3 .  ? -7.876  0.592   -4.202  1.00 1.50  ? 40  HOH A O     1 
HETATM 510 O O     . HOH D 3 .  ? -3.128  -17.086 3.226   1.00 1.50  ? 41  HOH A O     1 
HETATM 511 O O     . HOH D 3 .  ? 0.244   -24.969 4.594   1.00 21.26 ? 42  HOH A O     1 
HETATM 512 O O     . HOH D 3 .  ? -4.976  -2.576  -6.952  1.00 1.50  ? 44  HOH A O     1 
HETATM 513 O O     . HOH D 3 .  ? 7.446   2.977   0.129   1.00 1.50  ? 45  HOH A O     1 
HETATM 514 O O     . HOH D 3 .  ? -0.929  -16.081 6.419   1.00 1.50  ? 47  HOH A O     1 
HETATM 515 O O     . HOH D 3 .  ? 8.393   9.175   -4.804  1.00 1.50  ? 48  HOH A O     1 
HETATM 516 O O     . HOH D 3 .  ? 9.164   2.757   -7.951  1.00 1.50  ? 50  HOH A O     1 
HETATM 517 O O     . HOH D 3 .  ? 12.058  1.923   0.793   1.00 1.50  ? 51  HOH A O     1 
HETATM 518 O O     . HOH D 3 .  ? 9.720   5.499   -8.192  1.00 1.50  ? 55  HOH A O     1 
HETATM 519 O O     . HOH D 3 .  ? -11.321 0.413   -2.527  1.00 2.23  ? 59  HOH A O     1 
HETATM 520 O O     . HOH D 3 .  ? 13.822  9.731   -4.655  1.00 1.50  ? 60  HOH A O     1 
HETATM 521 O O     . HOH D 3 .  ? 15.471  6.486   2.272   1.00 1.50  ? 61  HOH A O     1 
HETATM 522 O O     . HOH D 3 .  ? 12.969  0.515   -0.906  1.00 1.50  ? 62  HOH A O     1 
HETATM 523 O O     . HOH D 3 .  ? 1.261   -22.333 4.567   1.00 1.50  ? 63  HOH A O     1 
HETATM 524 O O     . HOH D 3 .  ? 7.446   2.977   0.129   1.00 1.50  ? 64  HOH A O     1 
HETATM 525 O O     . HOH D 3 .  ? 8.213   9.277   -7.391  1.00 9.16  ? 68  HOH A O     1 
HETATM 526 O O     . HOH D 3 .  ? -1.714  -22.839 2.891   1.00 1.50  ? 69  HOH A O     1 
HETATM 527 O O     . HOH D 3 .  ? -2.374  -21.948 4.890   1.00 1.50  ? 70  HOH A O     1 
HETATM 528 O O     . HOH D 3 .  ? 10.195  6.533   -2.946  1.00 4.19  ? 71  HOH A O     1 
HETATM 529 O O     . HOH D 3 .  ? -2.211  -13.237 6.891   1.00 4.93  ? 72  HOH A O     1 
HETATM 530 O O     . HOH D 3 .  ? 12.276  2.744   -1.612  1.00 1.50  ? 76  HOH A O     1 
HETATM 531 O O     . HOH D 3 .  ? 12.970  10.526  -2.466  1.00 1.50  ? 77  HOH A O     1 
HETATM 532 O O     . HOH D 3 .  ? 12.049  5.045   -3.280  1.00 1.50  ? 79  HOH A O     1 
HETATM 533 O O     . HOH D 3 .  ? 13.652  4.809   -7.650  1.00 1.50  ? 80  HOH A O     1 
HETATM 534 O O     . HOH D 3 .  ? 13.112  8.098   2.465   1.00 1.50  ? 81  HOH A O     1 
HETATM 535 O O     . HOH D 3 .  ? 15.184  2.685   -6.960  1.00 30.63 ? 82  HOH A O     1 
HETATM 536 O O     . HOH D 3 .  ? 13.396  1.419   -4.637  1.00 1.50  ? 83  HOH A O     1 
HETATM 537 O O     . HOH D 3 .  ? -2.836  -20.368 3.188   1.00 19.62 ? 85  HOH A O     1 
HETATM 538 O O     . HOH D 3 .  ? 11.308  6.662   4.798   1.00 7.12  ? 86  HOH A O     1 
HETATM 539 O O     . HOH D 3 .  ? 16.718  -0.507  -3.225  1.00 1.50  ? 89  HOH A O     1 
HETATM 540 O O     . HOH D 3 .  ? 10.200  2.107   2.555   1.00 1.50  ? 91  HOH A O     1 
HETATM 541 O O     . HOH D 3 .  ? 15.316  3.575   1.334   1.00 1.50  ? 93  HOH A O     1 
HETATM 542 O O     . HOH D 3 .  ? 15.827  5.861   -0.024  1.00 1.50  ? 94  HOH A O     1 
HETATM 543 O O     . HOH D 3 .  ? 16.451  9.900   -2.446  1.00 1.50  ? 95  HOH A O     1 
HETATM 544 O O     . HOH D 3 .  ? 16.024  -0.134  -0.372  1.00 21.84 ? 98  HOH A O     1 
HETATM 545 O O     . HOH D 3 .  ? 10.434  -3.022  5.064   1.00 1.50  ? 99  HOH A O     1 
HETATM 546 O O     . HOH D 3 .  ? -4.638  -13.464 5.802   1.00 1.50  ? 101 HOH A O     1 
HETATM 547 O O     . HOH D 3 .  ? -0.588  -16.956 3.531   1.00 1.50  ? 103 HOH A O     1 
HETATM 548 O O     . HOH D 3 .  ? -2.363  -20.094 6.834   1.00 1.50  ? 104 HOH A O     1 
HETATM 549 O O     . HOH D 3 .  ? 11.104  8.483   -3.736  1.00 1.50  ? 106 HOH A O     1 
HETATM 550 O O     . HOH D 3 .  ? 1.402   -19.725 7.271   1.00 2.47  ? 108 HOH A O     1 
HETATM 551 O O     . HOH D 3 .  ? 14.331  3.460   -0.669  1.00 4.68  ? 110 HOH A O     1 
HETATM 552 O O     . HOH D 3 .  ? 16.757  7.003   -3.251  1.00 8.96  ? 111 HOH A O     1 
HETATM 553 O O     . HOH D 3 .  ? 15.352  7.472   2.856   1.00 17.40 ? 112 HOH A O     1 
HETATM 554 O O     . HOH D 3 .  ? 14.779  4.120   -2.970  1.00 1.50  ? 113 HOH A O     1 
HETATM 555 O O     . HOH D 3 .  ? 14.289  6.852   -1.355  1.00 1.50  ? 114 HOH A O     1 
HETATM 556 O O     . HOH D 3 .  ? 13.625  6.284   -4.603  1.00 1.50  ? 115 HOH A O     1 
HETATM 557 O O     . HOH D 3 .  ? -4.533  -11.053 5.896   1.00 1.50  ? 116 HOH A O     1 
HETATM 558 O O     . HOH D 3 .  ? 12.418  1.669   3.854   1.00 2.37  ? 118 HOH A O     1 
HETATM 559 O O     . HOH D 3 .  ? 5.693   -8.135  4.512   1.00 1.50  ? 121 HOH A O     1 
HETATM 560 O O     . HOH D 3 .  ? 7.484   4.457   -9.684  1.00 26.58 ? 122 HOH A O     1 
HETATM 561 O O     . HOH D 3 .  ? 5.627   -7.220  14.902  1.00 1.50  ? 125 HOH A O     1 
HETATM 562 O O     . HOH D 3 .  ? 8.697   0.104   4.348   1.00 1.50  ? 126 HOH A O     1 
HETATM 563 O O     . HOH D 3 .  ? 6.857   1.648   2.561   1.00 35.17 ? 127 HOH A O     1 
HETATM 564 O O     . HOH D 3 .  ? 8.993   1.454   -1.531  1.00 1.50  ? 128 HOH A O     1 
HETATM 565 O O     . HOH D 3 .  ? 8.095   -0.530  -0.619  1.00 18.85 ? 131 HOH A O     1 
HETATM 566 O O     . HOH D 3 .  ? 3.689   2.171   3.402   1.00 6.45  ? 132 HOH A O     1 
HETATM 567 O O     . HOH E 3 .  ? -14.519 -7.770  3.430   1.00 1.50  ? 29  HOH B O     1 
HETATM 568 O O     . HOH E 3 .  ? -9.558  -4.239  -1.734  1.00 1.50  ? 31  HOH B O     1 
HETATM 569 O O     . HOH E 3 .  ? 8.418   -4.331  -8.456  1.00 1.50  ? 32  HOH B O     1 
HETATM 570 O O     . HOH E 3 .  ? 10.666  -5.513  -9.968  1.00 1.50  ? 33  HOH B O     1 
HETATM 571 O O     . HOH E 3 .  ? -0.895  21.963  -13.573 1.00 1.50  ? 35  HOH B O     1 
HETATM 572 O O     . HOH E 3 .  ? -19.943 5.890   -4.569  1.00 2.90  ? 39  HOH B O     1 
HETATM 573 O O     . HOH E 3 .  ? -0.751  -5.346  -7.335  1.00 12.68 ? 43  HOH B O     1 
HETATM 574 O O     . HOH E 3 .  ? -14.233 -3.897  -1.011  1.00 1.68  ? 46  HOH B O     1 
HETATM 575 O O     . HOH E 3 .  ? -14.016 -13.565 0.439   1.00 1.50  ? 49  HOH B O     1 
HETATM 576 O O     . HOH E 3 .  ? -10.722 -10.705 3.218   1.00 1.50  ? 52  HOH B O     1 
HETATM 577 O O     . HOH E 3 .  ? -10.948 -9.921  -0.532  1.00 1.50  ? 53  HOH B O     1 
HETATM 578 O O     . HOH E 3 .  ? -4.476  -13.826 -2.389  1.00 1.50  ? 54  HOH B O     1 
HETATM 579 O O     . HOH E 3 .  ? -4.420  -13.749 1.779   1.00 1.50  ? 56  HOH B O     1 
HETATM 580 O O     . HOH E 3 .  ? -1.454  -3.350  -6.417  1.00 1.50  ? 57  HOH B O     1 
HETATM 581 O O     . HOH E 3 .  ? -3.330  -11.866 3.041   1.00 1.50  ? 58  HOH B O     1 
HETATM 582 O O     . HOH E 3 .  ? -15.485 -1.244  -3.599  1.00 1.50  ? 65  HOH B O     1 
HETATM 583 O O     . HOH E 3 .  ? -14.678 -1.529  -1.366  1.00 1.50  ? 66  HOH B O     1 
HETATM 584 O O     . HOH E 3 .  ? -14.673 -2.131  3.360   1.00 1.50  ? 67  HOH B O     1 
HETATM 585 O O     . HOH E 3 .  ? -10.893 -6.789  -1.450  1.00 16.34 ? 73  HOH B O     1 
HETATM 586 O O     . HOH E 3 .  ? -11.674 -12.080 0.408   1.00 1.50  ? 74  HOH B O     1 
HETATM 587 O O     . HOH E 3 .  ? -2.419  -13.005 -0.634  1.00 1.50  ? 75  HOH B O     1 
HETATM 588 O O     . HOH E 3 .  ? 0.694   18.254  -16.164 1.00 1.50  ? 78  HOH B O     1 
HETATM 589 O O     . HOH E 3 .  ? -9.984  -13.357 1.772   1.00 1.50  ? 84  HOH B O     1 
HETATM 590 O O     . HOH E 3 .  ? -4.039  21.956  -16.189 1.00 1.50  ? 87  HOH B O     1 
HETATM 591 O O     . HOH E 3 .  ? -4.005  -2.686  1.894   1.00 1.50  ? 88  HOH B O     1 
HETATM 592 O O     . HOH E 3 .  ? -0.502  -12.048 -4.948  1.00 1.50  ? 90  HOH B O     1 
HETATM 593 O O     . HOH E 3 .  ? -8.796  -15.565 1.586   1.00 1.50  ? 92  HOH B O     1 
HETATM 594 O O     . HOH E 3 .  ? -5.059  -12.478 -0.696  1.00 1.50  ? 96  HOH B O     1 
HETATM 595 O O     . HOH E 3 .  ? -2.199  -13.971 4.165   1.00 1.50  ? 97  HOH B O     1 
HETATM 596 O O     . HOH E 3 .  ? -6.040  21.341  -12.848 1.00 16.18 ? 100 HOH B O     1 
HETATM 597 O O     . HOH E 3 .  ? -12.625 -12.430 -1.757  1.00 1.50  ? 102 HOH B O     1 
HETATM 598 O O     . HOH E 3 .  ? -0.576  -3.037  -3.111  1.00 13.01 ? 105 HOH B O     1 
HETATM 599 O O     . HOH E 3 .  ? 4.891   -5.132  -2.461  1.00 1.50  ? 107 HOH B O     1 
HETATM 600 O O     . HOH E 3 .  ? -6.268  -3.353  -1.397  1.00 9.51  ? 109 HOH B O     1 
HETATM 601 O O     . HOH E 3 .  ? -1.461  -8.938  -11.242 1.00 1.50  ? 117 HOH B O     1 
HETATM 602 O O     . HOH E 3 .  ? 9.406   -1.223  -2.561  1.00 5.41  ? 119 HOH B O     1 
HETATM 603 O O     . HOH E 3 .  ? -12.983 -6.237  -2.906  1.00 1.50  ? 120 HOH B O     1 
HETATM 604 O O     . HOH E 3 .  ? -10.427 -0.296  1.513   1.00 1.50  ? 123 HOH B O     1 
HETATM 605 O O     . HOH E 3 .  ? -0.224  -5.229  -10.573 1.00 16.86 ? 124 HOH B O     1 
HETATM 606 O O     . HOH E 3 .  ? -1.415  -7.137  -8.441  1.00 1.50  ? 129 HOH B O     1 
HETATM 607 O O     . HOH E 3 .  ? 9.366   -4.299  1.440   1.00 1.50  ? 130 HOH B O     1 
# 
